data_1Z48
#
_entry.id   1Z48
#
_cell.length_a   51.210
_cell.length_b   184.573
_cell.length_c   168.893
_cell.angle_alpha   90.00
_cell.angle_beta   90.00
_cell.angle_gamma   90.00
#
_symmetry.space_group_name_H-M   'C 2 2 21'
#
loop_
_entity.id
_entity.type
_entity.pdbx_description
1 polymer 'Probable NADH-dependent flavin oxidoreductase yqjM'
2 non-polymer 'FLAVIN MONONUCLEOTIDE'
3 water water
#
_entity_poly.entity_id   1
_entity_poly.type   'polypeptide(L)'
_entity_poly.pdbx_seq_one_letter_code
;(MSE)ARKLFTPITIKD(MSE)TLKNRIV(MSE)SP(MSE)C(MSE)YSSHEKDGKLTPFH(MSE)AHYISRAIGQVGLI
IVEASAVNPQGRITDQDLGIWSDEHIEGFAKLTEQVKEQGSKIGIQLAHAGRKAELEGDIFAPSAIAFDEQSATPVE
(MSE)SAEKVKETVQEFKQAAARAKEAGFDVIEIHAAHGYLIHEFLSPLSNHRTDEYGGSPENRYRFLREIIDEVKQVWD
GPLFVRVSASDYTDKGLDIADHIGFAKW(MSE)KEQGVDLIDCSSGALVHADINVFPGYQVSFAEKIREQAD(MSE)ATG
AVG(MSE)ITDGS(MSE)AEEILQNGRADLIFIGRELLRDPFFARTAAKQLNTEIPAPVQYERGW
;
_entity_poly.pdbx_strand_id   A,B
#
loop_
_chem_comp.id
_chem_comp.type
_chem_comp.name
_chem_comp.formula
FMN non-polymer 'FLAVIN MONONUCLEOTIDE' 'C17 H21 N4 O9 P'
#
# COMPACT_ATOMS: atom_id res chain seq x y z
N ALA A 2 -3.47 9.29 26.97
CA ALA A 2 -3.39 8.61 25.65
C ALA A 2 -4.42 7.49 25.56
N ARG A 3 -4.96 7.29 24.36
CA ARG A 3 -5.96 6.24 24.15
C ARG A 3 -5.32 4.87 24.32
N LYS A 4 -6.05 3.94 24.91
CA LYS A 4 -5.51 2.60 25.12
C LYS A 4 -5.16 1.94 23.79
N LEU A 5 -5.93 2.24 22.75
CA LEU A 5 -5.69 1.66 21.44
C LEU A 5 -4.29 2.01 20.94
N PHE A 6 -3.76 3.14 21.41
CA PHE A 6 -2.43 3.57 20.99
C PHE A 6 -1.44 3.57 22.14
N THR A 7 -1.66 2.64 23.08
CA THR A 7 -0.79 2.44 24.23
C THR A 7 0.01 1.19 23.94
N PRO A 8 1.31 1.19 24.24
CA PRO A 8 2.12 0.00 23.98
C PRO A 8 1.81 -1.18 24.88
N ILE A 9 2.25 -2.36 24.45
CA ILE A 9 2.09 -3.57 25.22
C ILE A 9 3.28 -4.46 24.92
N THR A 10 3.84 -5.07 25.96
CA THR A 10 4.99 -5.92 25.78
C THR A 10 4.64 -7.37 26.05
N ILE A 11 4.92 -8.22 25.06
CA ILE A 11 4.67 -9.65 25.18
C ILE A 11 6.03 -10.30 24.97
N LYS A 12 6.54 -10.93 26.02
CA LYS A 12 7.86 -11.55 25.98
C LYS A 12 8.85 -10.40 25.80
N ASP A 13 9.62 -10.41 24.72
CA ASP A 13 10.58 -9.34 24.49
C ASP A 13 10.11 -8.41 23.38
N MSE A 14 8.88 -8.61 22.91
CA MSE A 14 8.33 -7.80 21.84
C MSE A 14 7.39 -6.71 22.34
O MSE A 14 6.40 -6.98 23.02
CB MSE A 14 7.56 -8.69 20.85
CG MSE A 14 6.83 -7.94 19.73
SE MSE A 14 5.80 -9.03 18.74
CE MSE A 14 4.40 -9.25 19.86
N THR A 15 7.69 -5.46 21.99
CA THR A 15 6.85 -4.34 22.38
C THR A 15 6.10 -3.82 21.17
N LEU A 16 4.77 -3.86 21.24
CA LEU A 16 3.93 -3.36 20.15
C LEU A 16 3.64 -1.90 20.46
N LYS A 17 3.76 -1.02 19.48
CA LYS A 17 3.53 0.41 19.71
C LYS A 17 2.07 0.82 19.88
N ASN A 18 1.15 -0.02 19.40
CA ASN A 18 -0.28 0.23 19.57
C ASN A 18 -0.95 -1.14 19.60
N ARG A 19 -2.25 -1.16 19.86
CA ARG A 19 -2.98 -2.43 19.96
C ARG A 19 -3.68 -2.89 18.69
N ILE A 20 -3.37 -2.27 17.56
CA ILE A 20 -3.99 -2.64 16.29
C ILE A 20 -3.20 -3.76 15.61
N VAL A 21 -3.90 -4.84 15.26
CA VAL A 21 -3.28 -5.99 14.61
C VAL A 21 -3.98 -6.24 13.27
N MSE A 22 -3.20 -6.44 12.21
CA MSE A 22 -3.80 -6.75 10.92
C MSE A 22 -4.06 -8.24 11.00
O MSE A 22 -3.13 -9.04 11.08
CB MSE A 22 -2.83 -6.44 9.77
CG MSE A 22 -3.41 -6.73 8.36
SE MSE A 22 -2.33 -6.26 6.99
CE MSE A 22 -3.39 -6.68 5.59
N SER A 23 -5.34 -8.62 10.98
CA SER A 23 -5.74 -10.01 11.08
C SER A 23 -5.23 -10.80 9.87
N PRO A 24 -4.79 -12.05 10.09
CA PRO A 24 -4.30 -12.84 8.95
C PRO A 24 -5.40 -13.02 7.91
N MSE A 25 -5.10 -12.67 6.66
CA MSE A 25 -6.08 -12.80 5.59
C MSE A 25 -5.44 -13.36 4.32
O MSE A 25 -4.56 -12.73 3.73
CB MSE A 25 -6.75 -11.46 5.28
CG MSE A 25 -7.69 -10.92 6.38
SE MSE A 25 -8.47 -9.31 6.01
CE MSE A 25 -7.08 -8.20 6.30
N CYS A 26 -5.89 -14.54 3.90
CA CYS A 26 -5.40 -15.19 2.68
C CYS A 26 -5.63 -14.32 1.46
N MSE A 27 -4.62 -14.22 0.61
CA MSE A 27 -4.70 -13.41 -0.60
C MSE A 27 -4.79 -14.22 -1.89
O MSE A 27 -5.01 -13.64 -2.95
CB MSE A 27 -3.51 -12.45 -0.65
CG MSE A 27 -3.56 -11.33 0.39
SE MSE A 27 -4.89 -10.13 0.08
CE MSE A 27 -6.02 -10.53 1.29
N TYR A 28 -4.62 -15.53 -1.78
CA TYR A 28 -4.69 -16.42 -2.94
C TYR A 28 -3.94 -15.80 -4.12
N SER A 29 -2.74 -15.30 -3.86
CA SER A 29 -1.96 -14.66 -4.90
C SER A 29 -0.59 -15.26 -5.24
N SER A 30 -0.32 -16.46 -4.77
CA SER A 30 0.95 -17.11 -5.11
C SER A 30 0.67 -17.82 -6.43
N HIS A 31 0.57 -17.04 -7.50
CA HIS A 31 0.25 -17.57 -8.83
C HIS A 31 1.17 -18.64 -9.40
N GLU A 32 2.41 -18.72 -8.90
CA GLU A 32 3.34 -19.74 -9.38
C GLU A 32 3.04 -21.07 -8.69
N LYS A 33 2.05 -21.07 -7.81
CA LYS A 33 1.63 -22.26 -7.07
C LYS A 33 2.77 -22.92 -6.29
N ASP A 34 3.73 -22.12 -5.88
CA ASP A 34 4.90 -22.62 -5.14
C ASP A 34 4.94 -22.09 -3.71
N GLY A 35 3.87 -21.42 -3.29
CA GLY A 35 3.80 -20.86 -1.95
C GLY A 35 4.69 -19.66 -1.70
N LYS A 36 5.37 -19.18 -2.74
CA LYS A 36 6.27 -18.03 -2.60
C LYS A 36 5.56 -16.67 -2.71
N LEU A 37 6.21 -15.65 -2.14
CA LEU A 37 5.67 -14.30 -2.15
C LEU A 37 5.78 -13.67 -3.54
N THR A 38 4.93 -12.69 -3.80
CA THR A 38 4.91 -11.98 -5.08
C THR A 38 4.92 -10.49 -4.78
N PRO A 39 5.16 -9.65 -5.80
CA PRO A 39 5.17 -8.21 -5.57
C PRO A 39 3.87 -7.74 -4.93
N PHE A 40 2.74 -8.36 -5.31
CA PHE A 40 1.47 -7.98 -4.72
C PHE A 40 1.50 -8.17 -3.21
N HIS A 41 2.00 -9.31 -2.75
CA HIS A 41 2.07 -9.57 -1.31
C HIS A 41 2.90 -8.50 -0.61
N MSE A 42 4.06 -8.18 -1.18
CA MSE A 42 4.93 -7.19 -0.57
C MSE A 42 4.25 -5.83 -0.40
O MSE A 42 4.26 -5.25 0.68
CB MSE A 42 6.22 -7.03 -1.40
CG MSE A 42 6.96 -8.35 -1.63
SE MSE A 42 7.54 -9.19 -0.12
CE MSE A 42 8.80 -8.07 0.42
N ALA A 43 3.63 -5.32 -1.47
CA ALA A 43 2.94 -4.03 -1.39
C ALA A 43 1.73 -4.09 -0.46
N HIS A 44 1.02 -5.21 -0.50
CA HIS A 44 -0.15 -5.42 0.32
C HIS A 44 0.18 -5.32 1.81
N TYR A 45 1.19 -6.06 2.26
CA TYR A 45 1.57 -6.03 3.67
C TYR A 45 2.35 -4.78 4.09
N ILE A 46 3.35 -4.42 3.30
CA ILE A 46 4.17 -3.26 3.66
C ILE A 46 3.36 -1.96 3.74
N SER A 47 2.35 -1.82 2.89
CA SER A 47 1.54 -0.61 2.93
C SER A 47 0.85 -0.42 4.29
N ARG A 48 0.48 -1.51 4.95
CA ARG A 48 -0.16 -1.38 6.25
C ARG A 48 0.87 -1.03 7.32
N ALA A 49 2.15 -1.33 7.04
CA ALA A 49 3.23 -1.00 7.97
C ALA A 49 3.45 0.51 7.85
N ILE A 50 3.42 0.99 6.62
CA ILE A 50 3.55 2.42 6.37
C ILE A 50 2.35 3.04 7.09
N GLY A 51 1.25 2.28 7.09
CA GLY A 51 0.02 2.72 7.73
C GLY A 51 0.02 2.68 9.25
N GLN A 52 1.15 2.34 9.86
CA GLN A 52 1.30 2.31 11.31
C GLN A 52 0.58 1.22 12.11
N VAL A 53 0.23 0.12 11.47
CA VAL A 53 -0.42 -0.98 12.19
C VAL A 53 0.64 -1.54 13.14
N GLY A 54 0.29 -1.71 14.41
CA GLY A 54 1.24 -2.21 15.38
C GLY A 54 1.81 -3.59 15.10
N LEU A 55 0.95 -4.50 14.67
CA LEU A 55 1.37 -5.86 14.38
C LEU A 55 0.64 -6.37 13.15
N ILE A 56 1.40 -6.82 12.17
CA ILE A 56 0.83 -7.35 10.95
C ILE A 56 1.04 -8.86 10.94
N ILE A 57 -0.05 -9.62 10.89
CA ILE A 57 0.08 -11.08 10.87
C ILE A 57 -0.14 -11.56 9.45
N VAL A 58 0.88 -12.20 8.88
CA VAL A 58 0.78 -12.72 7.54
C VAL A 58 -0.23 -13.87 7.47
N GLU A 59 -0.96 -13.90 6.37
CA GLU A 59 -2.00 -14.90 6.08
C GLU A 59 -1.57 -16.34 6.32
N ALA A 60 -2.55 -17.23 6.42
CA ALA A 60 -2.30 -18.65 6.63
C ALA A 60 -1.24 -19.17 5.67
N SER A 61 -0.14 -19.65 6.21
CA SER A 61 0.96 -20.19 5.41
C SER A 61 1.12 -21.68 5.72
N ALA A 62 0.87 -22.51 4.72
CA ALA A 62 0.92 -23.96 4.85
C ALA A 62 2.25 -24.56 5.28
N VAL A 63 2.17 -25.48 6.25
CA VAL A 63 3.36 -26.15 6.76
C VAL A 63 3.66 -27.40 5.95
N ASN A 64 2.76 -27.71 5.02
CA ASN A 64 2.88 -28.86 4.12
C ASN A 64 2.09 -28.45 2.87
N PRO A 65 2.64 -28.72 1.68
CA PRO A 65 1.92 -28.34 0.45
C PRO A 65 0.49 -28.83 0.35
N GLN A 66 0.22 -30.04 0.83
CA GLN A 66 -1.13 -30.57 0.76
C GLN A 66 -1.97 -30.02 1.92
N GLY A 67 -1.39 -29.08 2.65
CA GLY A 67 -2.08 -28.45 3.77
C GLY A 67 -2.53 -27.06 3.40
N ARG A 68 -2.34 -26.71 2.13
CA ARG A 68 -2.76 -25.42 1.62
C ARG A 68 -4.28 -25.43 1.46
N ILE A 69 -4.89 -24.26 1.49
CA ILE A 69 -6.32 -24.17 1.28
C ILE A 69 -6.51 -24.23 -0.24
N THR A 70 -5.71 -23.44 -0.96
CA THR A 70 -5.74 -23.40 -2.42
C THR A 70 -4.31 -23.46 -2.93
N ASP A 71 -4.13 -23.78 -4.21
CA ASP A 71 -2.77 -23.85 -4.74
C ASP A 71 -2.11 -22.49 -4.90
N GLN A 72 -2.80 -21.43 -4.51
CA GLN A 72 -2.22 -20.10 -4.61
C GLN A 72 -1.96 -19.51 -3.22
N ASP A 73 -1.96 -20.38 -2.22
CA ASP A 73 -1.69 -19.96 -0.84
C ASP A 73 -0.20 -19.74 -0.63
N LEU A 74 0.14 -18.99 0.42
CA LEU A 74 1.53 -18.78 0.77
C LEU A 74 1.95 -20.05 1.48
N GLY A 75 3.24 -20.35 1.46
CA GLY A 75 3.72 -21.54 2.14
C GLY A 75 4.96 -21.26 2.95
N ILE A 76 5.27 -22.17 3.88
CA ILE A 76 6.46 -22.04 4.70
C ILE A 76 6.91 -23.46 5.01
N TRP A 77 6.66 -24.35 4.06
CA TRP A 77 7.02 -25.77 4.19
C TRP A 77 8.41 -26.06 3.65
N SER A 78 9.04 -25.06 3.03
CA SER A 78 10.38 -25.24 2.47
C SER A 78 11.34 -24.12 2.85
N ASP A 79 12.62 -24.44 2.92
CA ASP A 79 13.60 -23.41 3.24
C ASP A 79 13.67 -22.39 2.11
N GLU A 80 13.12 -22.74 0.95
CA GLU A 80 13.11 -21.83 -0.18
C GLU A 80 12.17 -20.66 0.10
N HIS A 81 11.29 -20.83 1.09
CA HIS A 81 10.35 -19.78 1.45
C HIS A 81 10.98 -18.73 2.37
N ILE A 82 12.13 -19.07 2.94
CA ILE A 82 12.82 -18.17 3.87
C ILE A 82 13.30 -16.85 3.29
N GLU A 83 13.91 -16.91 2.10
CA GLU A 83 14.44 -15.71 1.45
C GLU A 83 13.38 -14.62 1.29
N GLY A 84 12.23 -14.98 0.72
CA GLY A 84 11.18 -14.00 0.52
C GLY A 84 10.67 -13.42 1.84
N PHE A 85 10.40 -14.30 2.80
CA PHE A 85 9.92 -13.85 4.10
C PHE A 85 10.93 -12.97 4.81
N ALA A 86 12.22 -13.24 4.60
CA ALA A 86 13.27 -12.46 5.23
C ALA A 86 13.22 -11.01 4.73
N LYS A 87 12.91 -10.84 3.45
CA LYS A 87 12.82 -9.51 2.87
C LYS A 87 11.57 -8.81 3.40
N LEU A 88 10.49 -9.56 3.50
CA LEU A 88 9.23 -9.00 3.98
C LEU A 88 9.30 -8.52 5.43
N THR A 89 9.82 -9.36 6.34
CA THR A 89 9.91 -8.94 7.73
C THR A 89 10.81 -7.73 7.88
N GLU A 90 11.92 -7.72 7.13
CA GLU A 90 12.85 -6.60 7.19
C GLU A 90 12.18 -5.30 6.76
N GLN A 91 11.47 -5.35 5.64
CA GLN A 91 10.79 -4.17 5.11
C GLN A 91 9.61 -3.70 5.97
N VAL A 92 8.88 -4.65 6.56
CA VAL A 92 7.75 -4.30 7.42
C VAL A 92 8.28 -3.64 8.70
N LYS A 93 9.32 -4.22 9.28
CA LYS A 93 9.91 -3.68 10.51
C LYS A 93 10.53 -2.32 10.26
N GLU A 94 11.06 -2.13 9.06
CA GLU A 94 11.69 -0.88 8.71
C GLU A 94 10.68 0.26 8.75
N GLN A 95 9.42 -0.05 8.46
CA GLN A 95 8.38 0.96 8.48
C GLN A 95 7.91 1.24 9.91
N GLY A 96 8.36 0.41 10.84
CA GLY A 96 8.01 0.61 12.24
C GLY A 96 6.96 -0.32 12.84
N SER A 97 6.64 -1.41 12.15
CA SER A 97 5.66 -2.35 12.65
C SER A 97 6.31 -3.66 13.04
N LYS A 98 5.63 -4.46 13.84
CA LYS A 98 6.13 -5.77 14.19
C LYS A 98 5.39 -6.70 13.24
N ILE A 99 5.94 -7.89 13.02
CA ILE A 99 5.30 -8.81 12.08
C ILE A 99 5.23 -10.24 12.57
N GLY A 100 4.14 -10.91 12.24
CA GLY A 100 3.97 -12.29 12.64
C GLY A 100 3.49 -13.11 11.47
N ILE A 101 3.48 -14.43 11.64
CA ILE A 101 3.03 -15.32 10.57
C ILE A 101 2.12 -16.39 11.16
N GLN A 102 1.10 -16.76 10.41
CA GLN A 102 0.16 -17.78 10.87
C GLN A 102 0.49 -19.13 10.24
N LEU A 103 0.98 -20.06 11.05
CA LEU A 103 1.32 -21.39 10.58
C LEU A 103 0.02 -22.18 10.44
N ALA A 104 -0.20 -22.80 9.28
CA ALA A 104 -1.45 -23.51 9.08
C ALA A 104 -1.42 -24.81 8.27
N HIS A 105 -2.53 -25.51 8.33
CA HIS A 105 -2.75 -26.75 7.60
C HIS A 105 -4.27 -26.83 7.45
N ALA A 106 -4.75 -26.77 6.21
CA ALA A 106 -6.17 -26.78 5.90
C ALA A 106 -6.94 -28.07 6.19
N GLY A 107 -6.23 -29.16 6.46
CA GLY A 107 -6.91 -30.41 6.75
C GLY A 107 -7.94 -30.78 5.69
N ARG A 108 -9.14 -31.18 6.12
CA ARG A 108 -10.18 -31.59 5.20
C ARG A 108 -10.77 -30.46 4.35
N LYS A 109 -10.40 -29.22 4.65
CA LYS A 109 -10.92 -28.10 3.87
C LYS A 109 -9.94 -27.68 2.78
N ALA A 110 -8.90 -28.49 2.57
CA ALA A 110 -7.93 -28.20 1.52
C ALA A 110 -8.60 -28.40 0.17
N GLU A 111 -8.51 -27.40 -0.69
CA GLU A 111 -9.10 -27.45 -2.02
C GLU A 111 -7.99 -27.77 -3.02
N LEU A 112 -7.44 -28.97 -2.92
CA LEU A 112 -6.35 -29.39 -3.79
C LEU A 112 -6.66 -30.74 -4.41
N GLU A 113 -5.99 -31.04 -5.52
CA GLU A 113 -6.16 -32.32 -6.19
C GLU A 113 -5.36 -33.35 -5.40
N GLY A 114 -5.83 -34.60 -5.37
CA GLY A 114 -5.13 -35.63 -4.63
C GLY A 114 -5.69 -35.76 -3.23
N ASP A 115 -5.25 -36.78 -2.50
CA ASP A 115 -5.74 -37.00 -1.15
C ASP A 115 -5.50 -35.82 -0.23
N ILE A 116 -6.48 -35.51 0.60
CA ILE A 116 -6.36 -34.44 1.58
C ILE A 116 -6.49 -35.18 2.92
N PHE A 117 -6.00 -34.58 4.01
CA PHE A 117 -6.04 -35.28 5.28
C PHE A 117 -6.81 -34.65 6.42
N ALA A 118 -7.18 -35.49 7.39
CA ALA A 118 -7.94 -35.06 8.56
C ALA A 118 -7.84 -36.10 9.66
N PRO A 119 -8.33 -35.76 10.86
CA PRO A 119 -8.26 -36.74 11.95
C PRO A 119 -9.15 -37.94 11.65
N SER A 120 -10.24 -37.72 10.93
CA SER A 120 -11.17 -38.78 10.58
C SER A 120 -11.71 -38.58 9.17
N ALA A 121 -12.08 -39.67 8.50
CA ALA A 121 -12.60 -39.61 7.15
C ALA A 121 -14.03 -39.10 7.12
N ILE A 122 -14.20 -37.80 7.36
CA ILE A 122 -15.51 -37.16 7.37
C ILE A 122 -15.37 -35.89 6.55
N ALA A 123 -16.18 -35.76 5.49
CA ALA A 123 -16.10 -34.59 4.64
C ALA A 123 -16.67 -33.35 5.33
N PHE A 124 -16.17 -32.19 4.95
CA PHE A 124 -16.60 -30.91 5.49
C PHE A 124 -18.08 -30.69 5.18
N ASP A 125 -18.47 -30.95 3.94
CA ASP A 125 -19.86 -30.82 3.51
C ASP A 125 -20.09 -31.68 2.27
N GLU A 126 -21.31 -31.64 1.73
CA GLU A 126 -21.64 -32.46 0.57
C GLU A 126 -20.92 -32.06 -0.72
N GLN A 127 -20.27 -30.90 -0.70
CA GLN A 127 -19.56 -30.42 -1.88
C GLN A 127 -18.07 -30.73 -1.81
N SER A 128 -17.62 -31.25 -0.67
CA SER A 128 -16.21 -31.54 -0.46
C SER A 128 -15.81 -33.00 -0.56
N ALA A 129 -14.53 -33.22 -0.88
CA ALA A 129 -14.00 -34.57 -0.99
C ALA A 129 -13.86 -35.14 0.42
N THR A 130 -13.99 -36.45 0.55
CA THR A 130 -13.82 -37.09 1.86
C THR A 130 -12.32 -37.21 2.13
N PRO A 131 -11.86 -36.69 3.27
CA PRO A 131 -10.43 -36.76 3.57
C PRO A 131 -9.96 -38.14 4.00
N VAL A 132 -8.65 -38.34 3.95
CA VAL A 132 -8.06 -39.59 4.38
C VAL A 132 -7.70 -39.42 5.85
N GLU A 133 -8.03 -40.41 6.66
CA GLU A 133 -7.72 -40.37 8.09
C GLU A 133 -6.20 -40.49 8.27
N MSE A 134 -5.59 -39.49 8.91
CA MSE A 134 -4.15 -39.52 9.13
C MSE A 134 -3.77 -40.71 10.01
O MSE A 134 -4.44 -41.00 11.00
CB MSE A 134 -3.66 -38.24 9.83
CG MSE A 134 -3.70 -36.96 9.04
SE MSE A 134 -2.77 -35.63 9.91
CE MSE A 134 -2.37 -34.55 8.53
N SER A 135 -2.68 -41.38 9.65
CA SER A 135 -2.20 -42.49 10.45
C SER A 135 -1.51 -41.81 11.64
N ALA A 136 -1.31 -42.53 12.74
CA ALA A 136 -0.64 -41.94 13.89
C ALA A 136 0.70 -41.37 13.46
N GLU A 137 1.38 -42.07 12.54
CA GLU A 137 2.68 -41.64 12.03
C GLU A 137 2.55 -40.29 11.34
N LYS A 138 1.54 -40.19 10.48
CA LYS A 138 1.29 -38.96 9.72
C LYS A 138 1.00 -37.79 10.65
N VAL A 139 0.26 -38.04 11.73
CA VAL A 139 -0.06 -36.98 12.67
C VAL A 139 1.23 -36.46 13.29
N LYS A 140 2.10 -37.37 13.74
CA LYS A 140 3.35 -36.97 14.36
C LYS A 140 4.28 -36.26 13.38
N GLU A 141 4.19 -36.63 12.11
CA GLU A 141 5.01 -35.97 11.10
C GLU A 141 4.51 -34.55 10.90
N THR A 142 3.20 -34.37 11.05
CA THR A 142 2.62 -33.05 10.88
C THR A 142 3.05 -32.16 12.04
N VAL A 143 3.13 -32.73 13.23
CA VAL A 143 3.59 -31.95 14.38
C VAL A 143 4.99 -31.45 14.06
N GLN A 144 5.83 -32.33 13.52
CA GLN A 144 7.19 -31.93 13.18
C GLN A 144 7.23 -30.86 12.10
N GLU A 145 6.25 -30.87 11.21
CA GLU A 145 6.21 -29.86 10.15
C GLU A 145 5.86 -28.48 10.73
N PHE A 146 5.08 -28.45 11.80
CA PHE A 146 4.76 -27.16 12.43
C PHE A 146 6.02 -26.67 13.12
N LYS A 147 6.76 -27.60 13.71
CA LYS A 147 8.01 -27.27 14.39
C LYS A 147 9.01 -26.72 13.38
N GLN A 148 9.18 -27.47 12.29
CA GLN A 148 10.09 -27.07 11.23
C GLN A 148 9.70 -25.71 10.64
N ALA A 149 8.39 -25.49 10.48
CA ALA A 149 7.91 -24.22 9.94
C ALA A 149 8.22 -23.08 10.91
N ALA A 150 8.07 -23.33 12.21
CA ALA A 150 8.35 -22.30 13.20
C ALA A 150 9.83 -21.93 13.13
N ALA A 151 10.68 -22.92 12.92
CA ALA A 151 12.11 -22.68 12.82
C ALA A 151 12.40 -21.77 11.63
N ARG A 152 11.71 -22.02 10.52
CA ARG A 152 11.90 -21.20 9.32
C ARG A 152 11.42 -19.78 9.57
N ALA A 153 10.32 -19.64 10.31
CA ALA A 153 9.76 -18.34 10.63
C ALA A 153 10.75 -17.54 11.47
N LYS A 154 11.38 -18.22 12.41
CA LYS A 154 12.36 -17.55 13.27
C LYS A 154 13.53 -17.07 12.43
N GLU A 155 14.03 -17.94 11.56
CA GLU A 155 15.15 -17.57 10.70
C GLU A 155 14.77 -16.42 9.77
N ALA A 156 13.53 -16.40 9.32
CA ALA A 156 13.05 -15.35 8.42
C ALA A 156 12.88 -14.00 9.14
N GLY A 157 12.99 -14.02 10.46
CA GLY A 157 12.88 -12.78 11.22
C GLY A 157 11.52 -12.36 11.75
N PHE A 158 10.56 -13.27 11.81
CA PHE A 158 9.25 -12.90 12.34
C PHE A 158 9.34 -12.61 13.83
N ASP A 159 8.48 -11.71 14.30
CA ASP A 159 8.45 -11.32 15.71
C ASP A 159 7.50 -12.22 16.49
N VAL A 160 6.43 -12.66 15.84
CA VAL A 160 5.43 -13.51 16.46
C VAL A 160 5.04 -14.66 15.56
N ILE A 161 4.71 -15.79 16.19
CA ILE A 161 4.25 -16.96 15.44
C ILE A 161 2.86 -17.29 15.98
N GLU A 162 1.91 -17.48 15.08
CA GLU A 162 0.57 -17.85 15.52
C GLU A 162 0.22 -19.21 14.94
N ILE A 163 -0.32 -20.08 15.78
CA ILE A 163 -0.73 -21.40 15.34
C ILE A 163 -2.20 -21.29 14.93
N HIS A 164 -2.53 -21.73 13.72
CA HIS A 164 -3.90 -21.68 13.24
C HIS A 164 -4.69 -22.91 13.68
N ALA A 165 -5.40 -22.79 14.80
CA ALA A 165 -6.19 -23.89 15.32
C ALA A 165 -7.67 -23.57 15.19
N ALA A 166 -8.02 -22.80 14.18
CA ALA A 166 -9.41 -22.40 13.97
C ALA A 166 -9.93 -22.61 12.57
N HIS A 167 -11.13 -22.06 12.35
CA HIS A 167 -11.82 -22.09 11.07
C HIS A 167 -11.97 -23.44 10.39
N GLY A 168 -12.18 -24.46 11.20
CA GLY A 168 -12.38 -25.81 10.69
C GLY A 168 -11.20 -26.47 9.98
N TYR A 169 -10.01 -25.93 10.15
CA TYR A 169 -8.84 -26.52 9.51
C TYR A 169 -8.31 -27.70 10.32
N LEU A 170 -7.16 -28.24 9.94
CA LEU A 170 -6.63 -29.43 10.63
C LEU A 170 -6.69 -29.49 12.15
N ILE A 171 -6.04 -28.56 12.84
CA ILE A 171 -6.04 -28.59 14.29
C ILE A 171 -7.44 -28.51 14.90
N HIS A 172 -8.27 -27.61 14.37
CA HIS A 172 -9.64 -27.46 14.85
C HIS A 172 -10.37 -28.80 14.68
N GLU A 173 -10.10 -29.48 13.56
CA GLU A 173 -10.73 -30.76 13.30
C GLU A 173 -10.41 -31.78 14.39
N PHE A 174 -9.18 -31.74 14.92
CA PHE A 174 -8.80 -32.66 15.99
C PHE A 174 -9.48 -32.27 17.31
N LEU A 175 -9.58 -30.97 17.55
CA LEU A 175 -10.19 -30.47 18.78
C LEU A 175 -11.66 -30.78 18.95
N SER A 176 -12.42 -30.78 17.85
CA SER A 176 -13.86 -31.01 17.94
C SER A 176 -14.37 -32.44 17.75
N PRO A 177 -15.31 -32.86 18.60
CA PRO A 177 -15.91 -34.20 18.56
C PRO A 177 -16.69 -34.41 17.26
N LEU A 178 -17.14 -33.32 16.66
CA LEU A 178 -17.91 -33.38 15.42
C LEU A 178 -17.08 -33.88 14.24
N SER A 179 -15.80 -33.59 14.27
CA SER A 179 -14.90 -33.96 13.18
C SER A 179 -13.85 -35.00 13.57
N ASN A 180 -13.69 -35.24 14.86
CA ASN A 180 -12.70 -36.21 15.35
C ASN A 180 -13.36 -37.42 16.00
N HIS A 181 -13.32 -38.54 15.30
CA HIS A 181 -13.89 -39.80 15.80
C HIS A 181 -12.79 -40.83 15.98
N ARG A 182 -11.56 -40.36 16.18
CA ARG A 182 -10.41 -41.25 16.33
C ARG A 182 -10.48 -42.13 17.57
N THR A 183 -9.90 -43.32 17.44
CA THR A 183 -9.87 -44.29 18.52
C THR A 183 -8.47 -44.49 19.08
N ASP A 184 -7.55 -43.58 18.75
CA ASP A 184 -6.19 -43.67 19.27
C ASP A 184 -5.93 -42.52 20.24
N GLU A 185 -4.66 -42.25 20.53
CA GLU A 185 -4.30 -41.20 21.48
C GLU A 185 -4.72 -39.78 21.09
N TYR A 186 -5.12 -39.58 19.84
CA TYR A 186 -5.51 -38.24 19.41
C TYR A 186 -7.02 -38.02 19.33
N GLY A 187 -7.79 -38.93 19.92
CA GLY A 187 -9.23 -38.79 19.87
C GLY A 187 -9.94 -39.25 21.13
N GLY A 188 -11.17 -38.79 21.33
CA GLY A 188 -11.94 -39.19 22.49
C GLY A 188 -12.14 -38.07 23.50
N SER A 189 -11.48 -38.20 24.65
CA SER A 189 -11.57 -37.22 25.72
C SER A 189 -10.97 -35.88 25.30
N PRO A 190 -11.28 -34.81 26.05
CA PRO A 190 -10.72 -33.51 25.69
C PRO A 190 -9.20 -33.54 25.72
N GLU A 191 -8.62 -34.31 26.64
CA GLU A 191 -7.17 -34.42 26.73
C GLU A 191 -6.62 -35.00 25.43
N ASN A 192 -7.26 -36.06 24.93
CA ASN A 192 -6.81 -36.68 23.69
C ASN A 192 -7.07 -35.80 22.47
N ARG A 193 -8.21 -35.14 22.43
CA ARG A 193 -8.52 -34.27 21.30
C ARG A 193 -7.60 -33.06 21.26
N TYR A 194 -7.13 -32.63 22.43
CA TYR A 194 -6.23 -31.48 22.54
C TYR A 194 -4.78 -31.88 22.31
N ARG A 195 -4.50 -33.19 22.38
CA ARG A 195 -3.13 -33.69 22.23
C ARG A 195 -2.36 -33.19 21.01
N PHE A 196 -3.00 -33.15 19.85
CA PHE A 196 -2.33 -32.68 18.64
C PHE A 196 -1.78 -31.27 18.86
N LEU A 197 -2.64 -30.37 19.35
CA LEU A 197 -2.23 -28.99 19.61
C LEU A 197 -1.19 -28.94 20.71
N ARG A 198 -1.34 -29.77 21.75
CA ARG A 198 -0.39 -29.78 22.85
C ARG A 198 1.01 -30.10 22.34
N GLU A 199 1.12 -31.11 21.48
CA GLU A 199 2.42 -31.51 20.93
C GLU A 199 2.99 -30.45 20.01
N ILE A 200 2.13 -29.80 19.24
CA ILE A 200 2.57 -28.75 18.34
C ILE A 200 3.17 -27.60 19.15
N ILE A 201 2.47 -27.21 20.22
CA ILE A 201 2.96 -26.12 21.08
C ILE A 201 4.29 -26.48 21.73
N ASP A 202 4.38 -27.69 22.28
CA ASP A 202 5.62 -28.10 22.93
C ASP A 202 6.79 -28.19 21.96
N GLU A 203 6.55 -28.73 20.76
CA GLU A 203 7.61 -28.85 19.78
C GLU A 203 8.04 -27.48 19.25
N VAL A 204 7.06 -26.62 18.96
CA VAL A 204 7.36 -25.28 18.47
C VAL A 204 8.25 -24.56 19.49
N LYS A 205 7.94 -24.73 20.77
CA LYS A 205 8.71 -24.09 21.82
C LYS A 205 10.15 -24.55 21.91
N GLN A 206 10.45 -25.69 21.29
CA GLN A 206 11.82 -26.21 21.29
C GLN A 206 12.68 -25.41 20.32
N VAL A 207 12.05 -24.75 19.35
CA VAL A 207 12.78 -23.97 18.37
C VAL A 207 12.42 -22.48 18.37
N TRP A 208 11.39 -22.12 19.14
CA TRP A 208 10.95 -20.72 19.20
C TRP A 208 10.58 -20.31 20.62
N ASP A 209 11.30 -19.32 21.14
CA ASP A 209 11.07 -18.83 22.49
C ASP A 209 10.36 -17.47 22.51
N GLY A 210 10.04 -16.95 21.33
CA GLY A 210 9.36 -15.66 21.26
C GLY A 210 7.86 -15.70 21.47
N PRO A 211 7.16 -14.59 21.23
CA PRO A 211 5.70 -14.52 21.39
C PRO A 211 5.04 -15.65 20.61
N LEU A 212 4.09 -16.34 21.26
CA LEU A 212 3.38 -17.43 20.62
C LEU A 212 1.88 -17.21 20.76
N PHE A 213 1.20 -17.05 19.63
CA PHE A 213 -0.26 -16.86 19.61
C PHE A 213 -0.91 -18.12 19.08
N VAL A 214 -2.18 -18.33 19.45
CA VAL A 214 -2.95 -19.45 18.93
C VAL A 214 -4.33 -18.90 18.59
N ARG A 215 -4.75 -19.07 17.33
CA ARG A 215 -6.07 -18.61 16.94
C ARG A 215 -7.01 -19.80 17.04
N VAL A 216 -8.16 -19.60 17.67
CA VAL A 216 -9.13 -20.67 17.82
C VAL A 216 -10.50 -20.20 17.34
N SER A 217 -11.37 -21.17 17.11
CA SER A 217 -12.76 -20.88 16.75
C SER A 217 -13.39 -21.23 18.09
N ALA A 218 -13.70 -20.20 18.87
CA ALA A 218 -14.25 -20.37 20.20
C ALA A 218 -15.57 -21.11 20.32
N SER A 219 -16.18 -21.44 19.19
CA SER A 219 -17.44 -22.18 19.21
C SER A 219 -17.72 -22.77 17.83
N ASP A 220 -18.42 -23.91 17.81
CA ASP A 220 -18.79 -24.57 16.57
C ASP A 220 -20.25 -24.23 16.27
N TYR A 221 -20.91 -23.55 17.20
CA TYR A 221 -22.31 -23.15 17.07
C TYR A 221 -23.14 -24.36 16.64
N THR A 222 -22.78 -25.54 17.14
CA THR A 222 -23.47 -26.76 16.76
C THR A 222 -23.68 -27.71 17.93
N ASP A 223 -24.83 -28.35 17.95
CA ASP A 223 -25.16 -29.31 18.99
C ASP A 223 -24.11 -30.41 18.99
N LYS A 224 -23.59 -30.73 20.18
CA LYS A 224 -22.56 -31.75 20.35
C LYS A 224 -21.19 -31.30 19.87
N GLY A 225 -21.10 -30.05 19.45
CA GLY A 225 -19.82 -29.50 18.99
C GLY A 225 -19.18 -28.76 20.16
N LEU A 226 -18.09 -28.05 19.89
CA LEU A 226 -17.39 -27.30 20.92
C LEU A 226 -18.06 -25.94 21.18
N ASP A 227 -18.00 -25.48 22.42
CA ASP A 227 -18.55 -24.17 22.76
C ASP A 227 -17.53 -23.41 23.62
N ILE A 228 -17.88 -22.21 24.05
CA ILE A 228 -16.95 -21.40 24.82
C ILE A 228 -16.42 -22.10 26.08
N ALA A 229 -17.23 -22.95 26.70
CA ALA A 229 -16.79 -23.66 27.90
C ALA A 229 -15.61 -24.58 27.55
N ASP A 230 -15.70 -25.25 26.41
CA ASP A 230 -14.64 -26.14 25.96
C ASP A 230 -13.34 -25.37 25.73
N HIS A 231 -13.47 -24.22 25.09
CA HIS A 231 -12.30 -23.40 24.78
C HIS A 231 -11.69 -22.71 25.98
N ILE A 232 -12.48 -22.51 27.03
CA ILE A 232 -11.94 -21.92 28.25
C ILE A 232 -11.05 -23.01 28.82
N GLY A 233 -11.50 -24.26 28.70
CA GLY A 233 -10.72 -25.38 29.20
C GLY A 233 -9.41 -25.52 28.45
N PHE A 234 -9.46 -25.44 27.12
CA PHE A 234 -8.25 -25.55 26.32
C PHE A 234 -7.32 -24.38 26.61
N ALA A 235 -7.91 -23.19 26.80
CA ALA A 235 -7.13 -21.98 27.08
C ALA A 235 -6.31 -22.12 28.36
N LYS A 236 -6.87 -22.76 29.38
CA LYS A 236 -6.16 -22.96 30.63
C LYS A 236 -4.96 -23.86 30.38
N TRP A 237 -5.14 -24.88 29.54
CA TRP A 237 -4.04 -25.79 29.22
C TRP A 237 -2.98 -25.05 28.39
N MSE A 238 -3.42 -24.18 27.49
CA MSE A 238 -2.48 -23.42 26.66
C MSE A 238 -1.64 -22.49 27.52
O MSE A 238 -0.45 -22.29 27.27
CB MSE A 238 -3.21 -22.64 25.57
CG MSE A 238 -3.67 -23.48 24.37
SE MSE A 238 -4.33 -22.52 22.94
CE MSE A 238 -6.03 -22.79 23.14
N LYS A 239 -2.26 -21.90 28.55
CA LYS A 239 -1.54 -20.99 29.42
C LYS A 239 -0.43 -21.72 30.15
N GLU A 240 -0.72 -22.94 30.60
CA GLU A 240 0.27 -23.74 31.30
C GLU A 240 1.43 -24.06 30.36
N GLN A 241 1.12 -24.21 29.09
CA GLN A 241 2.13 -24.52 28.08
C GLN A 241 2.95 -23.33 27.61
N GLY A 242 2.57 -22.13 28.06
CA GLY A 242 3.33 -20.96 27.67
C GLY A 242 2.81 -20.17 26.50
N VAL A 243 1.56 -20.39 26.10
CA VAL A 243 0.99 -19.62 24.99
C VAL A 243 0.77 -18.22 25.55
N ASP A 244 1.14 -17.21 24.78
CA ASP A 244 1.03 -15.82 25.23
C ASP A 244 -0.31 -15.12 25.00
N LEU A 245 -1.01 -15.50 23.94
CA LEU A 245 -2.29 -14.88 23.65
C LEU A 245 -3.15 -15.76 22.78
N ILE A 246 -4.46 -15.74 23.04
CA ILE A 246 -5.39 -16.51 22.25
C ILE A 246 -6.20 -15.54 21.39
N ASP A 247 -6.05 -15.73 20.08
CA ASP A 247 -6.71 -14.95 19.04
C ASP A 247 -8.09 -15.59 18.90
N CYS A 248 -9.13 -14.89 19.36
CA CYS A 248 -10.47 -15.46 19.39
C CYS A 248 -11.45 -15.27 18.24
N SER A 249 -11.49 -16.25 17.34
CA SER A 249 -12.41 -16.21 16.22
C SER A 249 -13.48 -17.26 16.54
N SER A 250 -14.19 -17.75 15.53
CA SER A 250 -15.22 -18.76 15.77
C SER A 250 -15.73 -19.39 14.47
N GLY A 251 -16.43 -20.51 14.62
CA GLY A 251 -17.03 -21.21 13.51
C GLY A 251 -16.18 -21.80 12.39
N ALA A 252 -16.87 -22.24 11.34
CA ALA A 252 -16.28 -22.80 10.13
C ALA A 252 -15.88 -24.27 10.14
N LEU A 253 -16.10 -24.98 11.24
CA LEU A 253 -15.77 -26.40 11.27
C LEU A 253 -16.75 -27.11 10.35
N VAL A 254 -18.00 -26.70 10.45
CA VAL A 254 -19.10 -27.23 9.64
C VAL A 254 -20.03 -26.04 9.41
N HIS A 255 -20.94 -26.17 8.45
CA HIS A 255 -21.89 -25.09 8.19
C HIS A 255 -22.77 -24.92 9.42
N ALA A 256 -23.01 -23.67 9.81
CA ALA A 256 -23.83 -23.40 10.98
C ALA A 256 -24.47 -22.03 10.90
N ASP A 257 -25.53 -21.84 11.69
CA ASP A 257 -26.23 -20.57 11.74
C ASP A 257 -25.47 -19.68 12.73
N ILE A 258 -24.89 -18.60 12.21
CA ILE A 258 -24.14 -17.67 13.04
C ILE A 258 -24.69 -16.26 12.95
N ASN A 259 -25.10 -15.71 14.09
CA ASN A 259 -25.63 -14.35 14.15
C ASN A 259 -24.43 -13.41 14.08
N VAL A 260 -24.23 -12.79 12.92
CA VAL A 260 -23.11 -11.87 12.74
C VAL A 260 -23.54 -10.43 12.97
N PHE A 261 -22.73 -9.70 13.74
CA PHE A 261 -23.00 -8.30 14.05
C PHE A 261 -21.71 -7.67 14.56
N PRO A 262 -21.67 -6.34 14.70
CA PRO A 262 -20.45 -5.70 15.19
C PRO A 262 -19.98 -6.27 16.54
N GLY A 263 -18.76 -6.78 16.57
CA GLY A 263 -18.21 -7.34 17.80
C GLY A 263 -18.87 -8.64 18.25
N TYR A 264 -19.37 -9.42 17.31
CA TYR A 264 -20.04 -10.67 17.65
C TYR A 264 -19.18 -11.76 18.28
N GLN A 265 -17.86 -11.61 18.21
CA GLN A 265 -16.97 -12.60 18.79
C GLN A 265 -16.25 -12.07 20.04
N VAL A 266 -16.59 -10.85 20.43
CA VAL A 266 -15.96 -10.24 21.60
C VAL A 266 -16.22 -11.01 22.89
N SER A 267 -17.43 -11.57 23.04
CA SER A 267 -17.74 -12.32 24.24
C SER A 267 -16.76 -13.46 24.48
N PHE A 268 -16.28 -14.07 23.39
CA PHE A 268 -15.34 -15.17 23.49
C PHE A 268 -14.00 -14.69 24.03
N ALA A 269 -13.53 -13.55 23.52
CA ALA A 269 -12.26 -13.00 23.97
C ALA A 269 -12.32 -12.59 25.43
N GLU A 270 -13.46 -12.02 25.85
CA GLU A 270 -13.60 -11.57 27.23
C GLU A 270 -13.68 -12.72 28.23
N LYS A 271 -14.41 -13.76 27.89
CA LYS A 271 -14.56 -14.91 28.78
C LYS A 271 -13.26 -15.69 28.94
N ILE A 272 -12.55 -15.89 27.84
CA ILE A 272 -11.29 -16.61 27.91
C ILE A 272 -10.29 -15.78 28.71
N ARG A 273 -10.31 -14.47 28.51
CA ARG A 273 -9.40 -13.57 29.21
C ARG A 273 -9.63 -13.63 30.72
N GLU A 274 -10.90 -13.55 31.11
CA GLU A 274 -11.28 -13.56 32.52
C GLU A 274 -11.13 -14.92 33.20
N GLN A 275 -11.67 -15.96 32.57
CA GLN A 275 -11.64 -17.30 33.16
C GLN A 275 -10.33 -18.07 33.06
N ALA A 276 -9.56 -17.82 32.01
CA ALA A 276 -8.29 -18.52 31.83
C ALA A 276 -7.10 -17.62 32.15
N ASP A 277 -7.38 -16.38 32.53
CA ASP A 277 -6.31 -15.42 32.86
C ASP A 277 -5.28 -15.42 31.73
N MSE A 278 -5.78 -15.36 30.50
CA MSE A 278 -4.96 -15.38 29.30
C MSE A 278 -5.21 -14.12 28.45
O MSE A 278 -6.36 -13.73 28.27
CB MSE A 278 -5.28 -16.61 28.47
CG MSE A 278 -4.80 -16.60 27.02
SE MSE A 278 -3.04 -16.99 26.83
CE MSE A 278 -3.11 -18.79 26.93
N ALA A 279 -4.15 -13.51 27.95
CA ALA A 279 -4.29 -12.33 27.10
C ALA A 279 -5.06 -12.80 25.87
N THR A 280 -5.92 -11.94 25.33
CA THR A 280 -6.70 -12.32 24.16
C THR A 280 -6.77 -11.26 23.08
N GLY A 281 -7.02 -11.73 21.86
CA GLY A 281 -7.17 -10.85 20.73
C GLY A 281 -8.62 -10.92 20.31
N ALA A 282 -9.26 -9.77 20.18
CA ALA A 282 -10.67 -9.72 19.76
C ALA A 282 -10.70 -9.49 18.27
N VAL A 283 -11.61 -10.17 17.57
CA VAL A 283 -11.73 -10.00 16.12
C VAL A 283 -13.16 -10.28 15.68
N GLY A 284 -13.58 -9.62 14.60
CA GLY A 284 -14.93 -9.86 14.10
C GLY A 284 -15.82 -8.64 14.02
N MSE A 285 -15.88 -8.04 12.82
CA MSE A 285 -16.71 -6.87 12.57
C MSE A 285 -16.37 -5.66 13.43
O MSE A 285 -17.27 -4.94 13.87
CB MSE A 285 -18.19 -7.24 12.74
CG MSE A 285 -18.62 -8.44 11.93
SE MSE A 285 -20.16 -8.17 11.04
CE MSE A 285 -19.50 -7.22 9.62
N ILE A 286 -15.09 -5.46 13.69
CA ILE A 286 -14.64 -4.29 14.45
C ILE A 286 -14.15 -3.39 13.32
N THR A 287 -14.81 -2.26 13.13
CA THR A 287 -14.50 -1.34 12.05
C THR A 287 -14.15 0.10 12.40
N ASP A 288 -14.14 0.46 13.67
CA ASP A 288 -13.79 1.83 14.02
C ASP A 288 -13.06 1.93 15.34
N GLY A 289 -12.34 3.04 15.51
CA GLY A 289 -11.55 3.25 16.71
C GLY A 289 -12.35 3.31 18.00
N SER A 290 -13.59 3.77 17.92
CA SER A 290 -14.43 3.86 19.12
C SER A 290 -14.73 2.48 19.71
N MSE A 291 -15.10 1.53 18.86
CA MSE A 291 -15.38 0.17 19.33
C MSE A 291 -14.10 -0.44 19.86
O MSE A 291 -14.09 -1.08 20.91
CB MSE A 291 -15.90 -0.73 18.18
CG MSE A 291 -17.19 -0.29 17.51
SE MSE A 291 -17.69 -1.42 16.17
CE MSE A 291 -16.27 -1.40 15.21
N ALA A 292 -13.00 -0.24 19.14
CA ALA A 292 -11.71 -0.79 19.54
C ALA A 292 -11.31 -0.31 20.93
N GLU A 293 -11.47 0.98 21.17
CA GLU A 293 -11.13 1.57 22.46
C GLU A 293 -12.02 1.01 23.58
N GLU A 294 -13.31 0.86 23.30
CA GLU A 294 -14.26 0.33 24.28
C GLU A 294 -13.87 -1.09 24.69
N ILE A 295 -13.55 -1.91 23.69
CA ILE A 295 -13.16 -3.29 23.94
C ILE A 295 -11.95 -3.35 24.87
N LEU A 296 -10.96 -2.51 24.60
CA LEU A 296 -9.74 -2.48 25.41
C LEU A 296 -9.98 -1.90 26.80
N GLN A 297 -10.65 -0.76 26.86
CA GLN A 297 -10.91 -0.09 28.14
C GLN A 297 -11.82 -0.89 29.08
N ASN A 298 -12.74 -1.65 28.53
CA ASN A 298 -13.63 -2.44 29.38
C ASN A 298 -13.03 -3.81 29.70
N GLY A 299 -11.76 -3.98 29.36
CA GLY A 299 -11.05 -5.22 29.62
C GLY A 299 -11.58 -6.47 28.96
N ARG A 300 -12.08 -6.34 27.74
CA ARG A 300 -12.63 -7.49 27.02
C ARG A 300 -11.58 -8.20 26.18
N ALA A 301 -10.46 -7.50 25.92
CA ALA A 301 -9.37 -8.07 25.14
C ALA A 301 -8.12 -7.21 25.30
N ASP A 302 -6.97 -7.73 24.84
CA ASP A 302 -5.71 -7.00 24.94
C ASP A 302 -5.25 -6.43 23.60
N LEU A 303 -5.62 -7.10 22.51
CA LEU A 303 -5.25 -6.65 21.18
C LEU A 303 -6.51 -6.64 20.33
N ILE A 304 -6.58 -5.69 19.39
CA ILE A 304 -7.72 -5.56 18.50
C ILE A 304 -7.34 -5.98 17.08
N PHE A 305 -7.82 -7.14 16.65
CA PHE A 305 -7.54 -7.64 15.32
C PHE A 305 -8.55 -7.04 14.34
N ILE A 306 -8.03 -6.43 13.28
CA ILE A 306 -8.82 -5.78 12.26
C ILE A 306 -8.61 -6.51 10.94
N GLY A 307 -9.69 -6.96 10.33
CA GLY A 307 -9.59 -7.68 9.07
C GLY A 307 -10.04 -6.87 7.87
N ARG A 308 -11.31 -7.03 7.51
CA ARG A 308 -11.84 -6.33 6.34
C ARG A 308 -11.73 -4.81 6.32
N GLU A 309 -11.78 -4.17 7.48
CA GLU A 309 -11.67 -2.71 7.49
C GLU A 309 -10.29 -2.29 7.00
N LEU A 310 -9.29 -3.15 7.21
CA LEU A 310 -7.93 -2.85 6.75
C LEU A 310 -7.80 -3.13 5.26
N LEU A 311 -8.81 -3.78 4.68
CA LEU A 311 -8.80 -4.01 3.23
C LEU A 311 -9.45 -2.80 2.59
N ARG A 312 -10.37 -2.16 3.31
CA ARG A 312 -11.04 -0.97 2.81
C ARG A 312 -10.20 0.27 3.09
N ASP A 313 -9.56 0.27 4.25
CA ASP A 313 -8.74 1.41 4.70
C ASP A 313 -7.42 0.94 5.29
N PRO A 314 -6.38 0.82 4.46
CA PRO A 314 -5.06 0.37 4.90
C PRO A 314 -4.50 1.27 6.01
N PHE A 315 -4.95 2.52 6.04
CA PHE A 315 -4.47 3.47 7.04
C PHE A 315 -5.49 3.66 8.16
N PHE A 316 -6.12 2.55 8.54
CA PHE A 316 -7.11 2.52 9.62
C PHE A 316 -6.57 3.18 10.89
N ALA A 317 -5.28 3.00 11.14
CA ALA A 317 -4.66 3.56 12.35
C ALA A 317 -4.87 5.07 12.40
N ARG A 318 -4.66 5.75 11.28
CA ARG A 318 -4.83 7.19 11.23
C ARG A 318 -6.31 7.53 11.41
N THR A 319 -7.15 6.81 10.69
CA THR A 319 -8.59 7.02 10.76
C THR A 319 -9.10 6.85 12.19
N ALA A 320 -8.61 5.82 12.88
CA ALA A 320 -9.01 5.54 14.25
C ALA A 320 -8.49 6.63 15.20
N ALA A 321 -7.27 7.11 14.96
CA ALA A 321 -6.71 8.15 15.81
C ALA A 321 -7.61 9.39 15.72
N LYS A 322 -8.04 9.72 14.51
CA LYS A 322 -8.91 10.88 14.29
C LYS A 322 -10.26 10.71 14.98
N GLN A 323 -10.82 9.50 14.88
CA GLN A 323 -12.11 9.20 15.49
C GLN A 323 -12.03 9.33 17.01
N LEU A 324 -10.86 9.03 17.56
CA LEU A 324 -10.64 9.10 19.00
C LEU A 324 -10.05 10.45 19.42
N ASN A 325 -10.03 11.40 18.49
CA ASN A 325 -9.52 12.73 18.76
C ASN A 325 -8.16 12.70 19.44
N THR A 326 -7.24 11.91 18.90
CA THR A 326 -5.90 11.81 19.45
C THR A 326 -4.90 11.88 18.31
N GLU A 327 -3.61 11.96 18.64
CA GLU A 327 -2.58 12.05 17.62
C GLU A 327 -1.60 10.88 17.70
N ILE A 328 -1.16 10.42 16.54
CA ILE A 328 -0.18 9.34 16.47
C ILE A 328 0.87 9.73 15.44
N PRO A 329 2.08 9.19 15.57
CA PRO A 329 3.13 9.53 14.61
C PRO A 329 2.75 9.03 13.22
N ALA A 330 3.05 9.83 12.21
CA ALA A 330 2.75 9.44 10.84
C ALA A 330 4.04 8.98 10.19
N PRO A 331 3.94 8.16 9.11
CA PRO A 331 5.18 7.73 8.47
C PRO A 331 5.84 9.03 8.02
N VAL A 332 7.15 9.15 8.19
CA VAL A 332 7.85 10.37 7.82
C VAL A 332 7.53 10.92 6.44
N GLN A 333 7.40 10.03 5.46
CA GLN A 333 7.13 10.47 4.09
C GLN A 333 5.77 11.11 3.87
N TYR A 334 4.83 10.89 4.78
CA TYR A 334 3.49 11.47 4.62
C TYR A 334 3.16 12.55 5.65
N GLU A 335 4.18 13.13 6.28
CA GLU A 335 3.93 14.15 7.29
C GLU A 335 3.18 15.37 6.78
N ARG A 336 3.26 15.63 5.48
CA ARG A 336 2.56 16.77 4.90
C ARG A 336 1.12 16.45 4.55
N GLY A 337 0.71 15.20 4.76
CA GLY A 337 -0.65 14.80 4.44
C GLY A 337 -1.46 14.30 5.62
N TRP A 338 -0.82 13.56 6.51
CA TRP A 338 -1.50 13.00 7.68
C TRP A 338 -1.89 14.03 8.72
N ALA B 2 -23.17 5.95 -15.49
CA ALA B 2 -22.15 5.90 -14.40
C ALA B 2 -21.59 7.29 -14.13
N ARG B 3 -20.75 7.39 -13.10
CA ARG B 3 -20.14 8.67 -12.75
C ARG B 3 -19.00 8.94 -13.72
N LYS B 4 -18.87 10.19 -14.15
CA LYS B 4 -17.83 10.55 -15.09
C LYS B 4 -16.43 10.26 -14.53
N LEU B 5 -16.28 10.40 -13.22
CA LEU B 5 -15.01 10.16 -12.56
C LEU B 5 -14.55 8.72 -12.79
N PHE B 6 -15.52 7.81 -12.99
CA PHE B 6 -15.18 6.42 -13.20
C PHE B 6 -15.48 5.91 -14.60
N THR B 7 -15.47 6.82 -15.57
CA THR B 7 -15.69 6.46 -16.96
C THR B 7 -14.31 6.53 -17.62
N PRO B 8 -13.97 5.53 -18.43
CA PRO B 8 -12.66 5.55 -19.09
C PRO B 8 -12.46 6.72 -20.03
N ILE B 9 -11.20 7.06 -20.27
CA ILE B 9 -10.84 8.14 -21.19
C ILE B 9 -9.60 7.69 -21.94
N THR B 10 -9.57 7.97 -23.24
CA THR B 10 -8.44 7.58 -24.06
C THR B 10 -7.60 8.78 -24.51
N ILE B 11 -6.29 8.67 -24.32
CA ILE B 11 -5.34 9.70 -24.70
C ILE B 11 -4.28 8.97 -25.53
N LYS B 12 -4.27 9.23 -26.84
CA LYS B 12 -3.33 8.57 -27.74
C LYS B 12 -3.71 7.09 -27.74
N ASP B 13 -2.75 6.22 -27.49
CA ASP B 13 -3.05 4.78 -27.45
C ASP B 13 -3.10 4.29 -26.01
N MSE B 14 -3.49 5.19 -25.10
CA MSE B 14 -3.60 4.85 -23.69
C MSE B 14 -5.02 5.08 -23.18
O MSE B 14 -5.55 6.19 -23.28
CB MSE B 14 -2.62 5.69 -22.86
CG MSE B 14 -2.74 5.46 -21.34
SE MSE B 14 -1.70 6.53 -20.33
CE MSE B 14 -2.65 8.09 -20.45
N THR B 15 -5.62 4.04 -22.63
CA THR B 15 -6.96 4.14 -22.08
C THR B 15 -6.88 4.01 -20.56
N LEU B 16 -7.38 5.02 -19.86
CA LEU B 16 -7.40 5.02 -18.41
C LEU B 16 -8.77 4.49 -17.98
N LYS B 17 -8.80 3.61 -16.98
CA LYS B 17 -10.07 3.04 -16.55
C LYS B 17 -10.96 4.02 -15.77
N ASN B 18 -10.36 5.06 -15.22
CA ASN B 18 -11.10 6.09 -14.51
C ASN B 18 -10.30 7.38 -14.64
N ARG B 19 -10.82 8.48 -14.12
CA ARG B 19 -10.13 9.75 -14.28
C ARG B 19 -9.39 10.28 -13.06
N ILE B 20 -9.07 9.37 -12.14
CA ILE B 20 -8.32 9.72 -10.94
C ILE B 20 -6.84 9.52 -11.22
N VAL B 21 -6.04 10.54 -10.90
CA VAL B 21 -4.60 10.49 -11.12
C VAL B 21 -3.87 10.74 -9.81
N MSE B 22 -2.85 9.93 -9.52
CA MSE B 22 -2.06 10.15 -8.32
C MSE B 22 -1.02 11.20 -8.70
O MSE B 22 -0.13 10.94 -9.51
CB MSE B 22 -1.36 8.86 -7.86
CG MSE B 22 -0.48 9.03 -6.60
SE MSE B 22 0.25 7.49 -5.96
CE MSE B 22 0.87 8.07 -4.35
N SER B 23 -1.18 12.39 -8.15
CA SER B 23 -0.29 13.51 -8.44
C SER B 23 1.15 13.17 -8.04
N PRO B 24 2.13 13.58 -8.85
CA PRO B 24 3.52 13.29 -8.51
C PRO B 24 3.90 13.89 -7.16
N MSE B 25 4.44 13.05 -6.26
CA MSE B 25 4.83 13.52 -4.94
C MSE B 25 6.17 12.95 -4.48
O MSE B 25 6.31 11.74 -4.30
CB MSE B 25 3.75 13.16 -3.90
CG MSE B 25 2.46 13.99 -4.00
SE MSE B 25 1.15 13.57 -2.77
CE MSE B 25 0.50 12.06 -3.51
N CYS B 26 7.15 13.83 -4.32
CA CYS B 26 8.49 13.44 -3.87
C CYS B 26 8.43 12.71 -2.54
N MSE B 27 9.19 11.62 -2.43
CA MSE B 27 9.20 10.85 -1.21
C MSE B 27 10.52 10.93 -0.45
O MSE B 27 10.65 10.40 0.65
CB MSE B 27 8.88 9.38 -1.53
CG MSE B 27 7.42 9.16 -1.91
SE MSE B 27 6.28 9.46 -0.51
CE MSE B 27 5.45 10.90 -1.05
N TYR B 28 11.51 11.61 -1.05
CA TYR B 28 12.82 11.78 -0.44
C TYR B 28 13.26 10.49 0.21
N SER B 29 13.15 9.39 -0.53
CA SER B 29 13.50 8.07 0.00
C SER B 29 14.59 7.30 -0.73
N SER B 30 15.35 7.97 -1.59
CA SER B 30 16.45 7.30 -2.27
C SER B 30 17.64 7.53 -1.34
N HIS B 31 17.66 6.79 -0.23
CA HIS B 31 18.69 6.93 0.79
C HIS B 31 20.15 6.78 0.35
N GLU B 32 20.40 5.99 -0.70
CA GLU B 32 21.77 5.82 -1.17
C GLU B 32 22.23 7.02 -1.98
N LYS B 33 21.34 8.00 -2.14
CA LYS B 33 21.64 9.22 -2.88
C LYS B 33 22.10 8.98 -4.31
N ASP B 34 21.60 7.90 -4.90
CA ASP B 34 21.96 7.55 -6.27
C ASP B 34 20.76 7.60 -7.21
N GLY B 35 19.65 8.13 -6.71
CA GLY B 35 18.45 8.25 -7.52
C GLY B 35 17.68 6.96 -7.78
N LYS B 36 18.13 5.86 -7.20
CA LYS B 36 17.46 4.58 -7.41
C LYS B 36 16.25 4.35 -6.54
N LEU B 37 15.38 3.45 -6.99
CA LEU B 37 14.17 3.10 -6.24
C LEU B 37 14.52 2.22 -5.06
N THR B 38 13.67 2.24 -4.05
CA THR B 38 13.86 1.43 -2.85
C THR B 38 12.57 0.67 -2.57
N PRO B 39 12.62 -0.32 -1.66
CA PRO B 39 11.41 -1.09 -1.33
C PRO B 39 10.24 -0.20 -0.92
N PHE B 40 10.53 0.90 -0.22
CA PHE B 40 9.47 1.81 0.19
C PHE B 40 8.73 2.36 -1.02
N HIS B 41 9.49 2.82 -2.02
CA HIS B 41 8.90 3.37 -3.23
C HIS B 41 7.96 2.36 -3.88
N MSE B 42 8.40 1.11 -3.94
CA MSE B 42 7.59 0.06 -4.56
C MSE B 42 6.26 -0.13 -3.83
O MSE B 42 5.19 -0.14 -4.46
CB MSE B 42 8.37 -1.26 -4.60
CG MSE B 42 9.75 -1.17 -5.26
SE MSE B 42 9.74 -0.58 -6.99
CE MSE B 42 9.07 -2.01 -7.83
N ALA B 43 6.31 -0.25 -2.51
CA ALA B 43 5.10 -0.43 -1.73
C ALA B 43 4.21 0.80 -1.83
N HIS B 44 4.84 1.97 -1.73
CA HIS B 44 4.16 3.26 -1.82
C HIS B 44 3.31 3.38 -3.09
N TYR B 45 3.94 3.20 -4.24
CA TYR B 45 3.25 3.33 -5.51
C TYR B 45 2.32 2.16 -5.85
N ILE B 46 2.81 0.93 -5.70
CA ILE B 46 2.01 -0.24 -6.02
C ILE B 46 0.72 -0.32 -5.21
N SER B 47 0.75 0.12 -3.95
CA SER B 47 -0.45 0.06 -3.13
C SER B 47 -1.59 0.92 -3.70
N ARG B 48 -1.26 2.02 -4.37
CA ARG B 48 -2.31 2.84 -4.96
C ARG B 48 -2.84 2.22 -6.24
N ALA B 49 -2.07 1.30 -6.82
CA ALA B 49 -2.49 0.60 -8.04
C ALA B 49 -3.46 -0.48 -7.57
N ILE B 50 -3.16 -1.08 -6.43
CA ILE B 50 -4.05 -2.08 -5.85
C ILE B 50 -5.32 -1.30 -5.52
N GLY B 51 -5.12 -0.03 -5.15
CA GLY B 51 -6.22 0.85 -4.79
C GLY B 51 -7.04 1.40 -5.96
N GLN B 52 -6.76 0.93 -7.17
CA GLN B 52 -7.50 1.33 -8.36
C GLN B 52 -7.35 2.74 -8.92
N VAL B 53 -6.24 3.41 -8.64
CA VAL B 53 -6.01 4.74 -9.20
C VAL B 53 -5.78 4.52 -10.69
N GLY B 54 -6.51 5.25 -11.53
CA GLY B 54 -6.38 5.08 -12.97
C GLY B 54 -4.99 5.32 -13.54
N LEU B 55 -4.35 6.39 -13.09
CA LEU B 55 -3.02 6.74 -13.57
C LEU B 55 -2.17 7.20 -12.39
N ILE B 56 -1.01 6.58 -12.23
CA ILE B 56 -0.09 6.93 -11.16
C ILE B 56 1.12 7.63 -11.75
N ILE B 57 1.36 8.87 -11.34
CA ILE B 57 2.50 9.62 -11.84
C ILE B 57 3.61 9.59 -10.79
N VAL B 58 4.73 8.98 -11.16
CA VAL B 58 5.87 8.90 -10.26
C VAL B 58 6.45 10.29 -10.02
N GLU B 59 6.91 10.51 -8.80
CA GLU B 59 7.48 11.77 -8.32
C GLU B 59 8.57 12.34 -9.23
N ALA B 60 8.86 13.62 -9.04
CA ALA B 60 9.88 14.32 -9.83
C ALA B 60 11.18 13.51 -9.86
N SER B 61 11.59 13.12 -11.08
CA SER B 61 12.81 12.36 -11.27
C SER B 61 13.79 13.19 -12.08
N ALA B 62 14.89 13.56 -11.45
CA ALA B 62 15.91 14.41 -12.07
C ALA B 62 16.56 13.86 -13.32
N VAL B 63 16.69 14.71 -14.34
CA VAL B 63 17.31 14.33 -15.61
C VAL B 63 18.82 14.55 -15.57
N ASN B 64 19.28 15.18 -14.49
CA ASN B 64 20.69 15.44 -14.25
C ASN B 64 20.86 15.39 -12.73
N PRO B 65 21.95 14.79 -12.24
CA PRO B 65 22.21 14.69 -10.81
C PRO B 65 22.08 16.02 -10.07
N GLN B 66 22.62 17.07 -10.67
CA GLN B 66 22.59 18.39 -10.06
C GLN B 66 21.24 19.06 -10.27
N GLY B 67 20.31 18.32 -10.86
CA GLY B 67 18.97 18.83 -11.10
C GLY B 67 17.99 18.30 -10.08
N ARG B 68 18.50 17.53 -9.11
CA ARG B 68 17.66 16.99 -8.06
C ARG B 68 17.31 18.10 -7.09
N ILE B 69 16.18 17.96 -6.39
CA ILE B 69 15.78 18.96 -5.41
C ILE B 69 16.62 18.66 -4.16
N THR B 70 16.71 17.38 -3.81
CA THR B 70 17.51 16.94 -2.66
C THR B 70 18.29 15.71 -3.11
N ASP B 71 19.30 15.31 -2.34
CA ASP B 71 20.07 14.14 -2.73
C ASP B 71 19.34 12.83 -2.48
N GLN B 72 18.11 12.92 -2.00
CA GLN B 72 17.31 11.73 -1.74
C GLN B 72 16.21 11.55 -2.80
N ASP B 73 16.27 12.37 -3.84
CA ASP B 73 15.30 12.32 -4.94
C ASP B 73 15.52 11.12 -5.86
N LEU B 74 14.48 10.75 -6.58
CA LEU B 74 14.59 9.69 -7.56
C LEU B 74 15.28 10.33 -8.76
N GLY B 75 15.90 9.50 -9.59
CA GLY B 75 16.56 10.03 -10.76
C GLY B 75 16.31 9.17 -11.99
N ILE B 76 16.58 9.74 -13.15
CA ILE B 76 16.42 9.02 -14.40
C ILE B 76 17.47 9.56 -15.38
N TRP B 77 18.58 9.99 -14.82
CA TRP B 77 19.69 10.55 -15.59
C TRP B 77 20.69 9.48 -16.00
N SER B 78 20.47 8.25 -15.52
CA SER B 78 21.37 7.14 -15.81
C SER B 78 20.67 5.89 -16.30
N ASP B 79 21.33 5.13 -17.16
CA ASP B 79 20.77 3.88 -17.65
C ASP B 79 20.64 2.91 -16.48
N GLU B 80 21.36 3.18 -15.40
CA GLU B 80 21.32 2.34 -14.21
C GLU B 80 19.95 2.46 -13.54
N HIS B 81 19.20 3.49 -13.90
CA HIS B 81 17.87 3.69 -13.33
C HIS B 81 16.79 2.89 -14.06
N ILE B 82 17.10 2.41 -15.25
CA ILE B 82 16.13 1.67 -16.05
C ILE B 82 15.60 0.39 -15.42
N GLU B 83 16.49 -0.43 -14.88
CA GLU B 83 16.09 -1.70 -14.27
C GLU B 83 15.03 -1.56 -13.19
N GLY B 84 15.25 -0.64 -12.26
CA GLY B 84 14.28 -0.45 -11.19
C GLY B 84 12.94 0.04 -11.70
N PHE B 85 12.96 1.01 -12.60
CA PHE B 85 11.72 1.54 -13.16
C PHE B 85 10.96 0.48 -13.95
N ALA B 86 11.70 -0.38 -14.65
CA ALA B 86 11.07 -1.43 -15.44
C ALA B 86 10.27 -2.36 -14.54
N LYS B 87 10.81 -2.63 -13.35
CA LYS B 87 10.12 -3.49 -12.40
C LYS B 87 8.89 -2.78 -11.86
N LEU B 88 9.04 -1.48 -11.58
CA LEU B 88 7.94 -0.69 -11.05
C LEU B 88 6.77 -0.57 -12.02
N THR B 89 7.04 -0.24 -13.28
CA THR B 89 5.96 -0.11 -14.25
C THR B 89 5.26 -1.47 -14.44
N GLU B 90 6.05 -2.53 -14.50
CA GLU B 90 5.47 -3.85 -14.69
C GLU B 90 4.50 -4.20 -13.56
N GLN B 91 4.94 -3.97 -12.32
CA GLN B 91 4.14 -4.27 -11.15
C GLN B 91 2.92 -3.37 -10.96
N VAL B 92 3.04 -2.10 -11.32
CA VAL B 92 1.91 -1.18 -11.20
C VAL B 92 0.86 -1.53 -12.23
N LYS B 93 1.30 -1.80 -13.46
CA LYS B 93 0.40 -2.16 -14.54
C LYS B 93 -0.27 -3.52 -14.30
N GLU B 94 0.46 -4.42 -13.64
CA GLU B 94 -0.07 -5.74 -13.34
C GLU B 94 -1.27 -5.63 -12.39
N GLN B 95 -1.28 -4.57 -11.58
CA GLN B 95 -2.39 -4.37 -10.65
C GLN B 95 -3.57 -3.65 -11.31
N GLY B 96 -3.39 -3.23 -12.57
CA GLY B 96 -4.48 -2.58 -13.27
C GLY B 96 -4.41 -1.09 -13.56
N SER B 97 -3.34 -0.42 -13.14
CA SER B 97 -3.22 1.02 -13.36
C SER B 97 -2.22 1.35 -14.48
N LYS B 98 -2.32 2.56 -14.99
CA LYS B 98 -1.39 3.03 -16.01
C LYS B 98 -0.37 3.82 -15.18
N ILE B 99 0.83 4.03 -15.71
CA ILE B 99 1.84 4.74 -14.93
C ILE B 99 2.62 5.75 -15.75
N GLY B 100 2.94 6.87 -15.10
CA GLY B 100 3.70 7.91 -15.77
C GLY B 100 4.86 8.33 -14.89
N ILE B 101 5.75 9.14 -15.45
CA ILE B 101 6.89 9.63 -14.70
C ILE B 101 7.05 11.12 -14.98
N GLN B 102 7.43 11.86 -13.96
CA GLN B 102 7.62 13.29 -14.11
C GLN B 102 9.11 13.59 -14.28
N LEU B 103 9.51 14.03 -15.48
CA LEU B 103 10.90 14.37 -15.76
C LEU B 103 11.13 15.76 -15.20
N ALA B 104 12.16 15.91 -14.37
CA ALA B 104 12.40 17.19 -13.72
C ALA B 104 13.84 17.67 -13.59
N HIS B 105 13.96 18.93 -13.24
CA HIS B 105 15.24 19.59 -12.98
C HIS B 105 14.91 20.80 -12.11
N ALA B 106 15.43 20.76 -10.88
CA ALA B 106 15.17 21.80 -9.89
C ALA B 106 15.74 23.18 -10.13
N GLY B 107 16.67 23.30 -11.06
CA GLY B 107 17.25 24.61 -11.35
C GLY B 107 17.84 25.27 -10.11
N ARG B 108 17.52 26.54 -9.91
CA ARG B 108 18.04 27.29 -8.77
C ARG B 108 17.46 26.85 -7.42
N LYS B 109 16.50 25.93 -7.44
CA LYS B 109 15.92 25.47 -6.18
C LYS B 109 16.53 24.13 -5.74
N ALA B 110 17.60 23.72 -6.42
CA ALA B 110 18.28 22.49 -6.08
C ALA B 110 19.00 22.68 -4.75
N GLU B 111 18.73 21.80 -3.80
CA GLU B 111 19.35 21.86 -2.47
C GLU B 111 20.53 20.90 -2.43
N LEU B 112 21.52 21.18 -3.27
CA LEU B 112 22.71 20.32 -3.36
C LEU B 112 23.98 21.15 -3.23
N GLU B 113 25.07 20.51 -2.83
CA GLU B 113 26.34 21.19 -2.70
C GLU B 113 26.93 21.33 -4.10
N GLY B 114 27.71 22.39 -4.32
CA GLY B 114 28.29 22.61 -5.63
C GLY B 114 27.41 23.54 -6.43
N ASP B 115 27.92 24.03 -7.56
CA ASP B 115 27.13 24.95 -8.37
C ASP B 115 25.79 24.39 -8.80
N ILE B 116 24.76 25.23 -8.76
CA ILE B 116 23.43 24.85 -9.22
C ILE B 116 23.16 25.78 -10.39
N PHE B 117 22.24 25.40 -11.28
CA PHE B 117 22.01 26.21 -12.46
C PHE B 117 20.63 26.85 -12.65
N ALA B 118 20.59 27.88 -13.49
CA ALA B 118 19.36 28.61 -13.77
C ALA B 118 19.54 29.47 -15.02
N PRO B 119 18.45 30.03 -15.54
CA PRO B 119 18.57 30.87 -16.74
C PRO B 119 19.38 32.13 -16.45
N SER B 120 19.24 32.64 -15.22
CA SER B 120 19.95 33.84 -14.80
C SER B 120 20.48 33.66 -13.38
N ALA B 121 21.52 34.42 -13.04
CA ALA B 121 22.13 34.33 -11.72
C ALA B 121 21.32 35.10 -10.68
N ILE B 122 20.14 34.58 -10.38
CA ILE B 122 19.25 35.20 -9.40
C ILE B 122 18.82 34.10 -8.43
N ALA B 123 19.07 34.29 -7.15
CA ALA B 123 18.70 33.30 -6.14
C ALA B 123 17.21 33.26 -5.88
N PHE B 124 16.73 32.09 -5.45
CA PHE B 124 15.32 31.88 -5.14
C PHE B 124 14.89 32.81 -4.01
N ASP B 125 15.69 32.85 -2.95
CA ASP B 125 15.41 33.72 -1.80
C ASP B 125 16.65 34.00 -0.99
N GLU B 126 16.43 34.61 0.17
CA GLU B 126 17.49 34.99 1.11
C GLU B 126 18.34 33.83 1.63
N GLN B 127 17.72 32.66 1.78
CA GLN B 127 18.43 31.49 2.30
C GLN B 127 18.92 30.55 1.22
N SER B 128 18.92 31.00 -0.03
CA SER B 128 19.36 30.15 -1.13
C SER B 128 20.61 30.66 -1.83
N ALA B 129 21.38 29.73 -2.38
CA ALA B 129 22.61 30.07 -3.08
C ALA B 129 22.28 30.70 -4.43
N THR B 130 23.16 31.56 -4.91
CA THR B 130 22.95 32.20 -6.21
C THR B 130 23.33 31.18 -7.27
N PRO B 131 22.42 30.87 -8.21
CA PRO B 131 22.73 29.90 -9.24
C PRO B 131 23.66 30.44 -10.33
N VAL B 132 24.24 29.52 -11.07
CA VAL B 132 25.12 29.87 -12.17
C VAL B 132 24.23 30.04 -13.40
N GLU B 133 24.46 31.11 -14.15
CA GLU B 133 23.69 31.36 -15.37
C GLU B 133 24.12 30.33 -16.41
N MSE B 134 23.19 29.49 -16.86
CA MSE B 134 23.52 28.46 -17.84
C MSE B 134 24.03 29.06 -19.14
O MSE B 134 23.44 30.02 -19.66
CB MSE B 134 22.29 27.61 -18.18
CG MSE B 134 21.83 26.60 -17.12
SE MSE B 134 20.60 25.44 -17.81
CE MSE B 134 20.72 24.11 -16.64
N SER B 135 25.11 28.51 -19.68
CA SER B 135 25.62 28.99 -20.96
C SER B 135 24.61 28.42 -21.96
N ALA B 136 24.57 29.00 -23.16
CA ALA B 136 23.64 28.52 -24.18
C ALA B 136 23.83 27.03 -24.41
N GLU B 137 25.08 26.58 -24.37
CA GLU B 137 25.37 25.17 -24.58
C GLU B 137 24.91 24.31 -23.42
N LYS B 138 25.01 24.83 -22.21
CA LYS B 138 24.58 24.09 -21.03
C LYS B 138 23.06 23.90 -21.11
N VAL B 139 22.38 24.90 -21.67
CA VAL B 139 20.93 24.82 -21.84
C VAL B 139 20.62 23.72 -22.86
N LYS B 140 21.38 23.70 -23.95
CA LYS B 140 21.16 22.70 -24.98
C LYS B 140 21.49 21.30 -24.49
N GLU B 141 22.45 21.19 -23.57
CA GLU B 141 22.81 19.89 -23.01
C GLU B 141 21.66 19.40 -22.16
N THR B 142 21.03 20.32 -21.44
CA THR B 142 19.92 19.99 -20.57
C THR B 142 18.72 19.51 -21.41
N VAL B 143 18.51 20.14 -22.56
CA VAL B 143 17.43 19.73 -23.45
C VAL B 143 17.68 18.27 -23.83
N GLN B 144 18.93 17.96 -24.18
CA GLN B 144 19.28 16.59 -24.55
C GLN B 144 19.08 15.63 -23.39
N GLU B 145 19.29 16.11 -22.17
CA GLU B 145 19.10 15.25 -21.01
C GLU B 145 17.63 14.91 -20.80
N PHE B 146 16.73 15.83 -21.14
CA PHE B 146 15.30 15.53 -21.00
C PHE B 146 14.96 14.50 -22.07
N LYS B 147 15.57 14.64 -23.24
CA LYS B 147 15.35 13.71 -24.34
C LYS B 147 15.83 12.33 -23.94
N GLN B 148 17.05 12.27 -23.41
CA GLN B 148 17.64 11.00 -22.98
C GLN B 148 16.81 10.36 -21.88
N ALA B 149 16.33 11.17 -20.96
CA ALA B 149 15.51 10.66 -19.85
C ALA B 149 14.22 10.07 -20.41
N ALA B 150 13.63 10.74 -21.39
CA ALA B 150 12.39 10.25 -21.98
C ALA B 150 12.63 8.90 -22.64
N ALA B 151 13.78 8.74 -23.30
CA ALA B 151 14.11 7.49 -23.95
C ALA B 151 14.21 6.39 -22.89
N ARG B 152 14.77 6.72 -21.73
CA ARG B 152 14.89 5.73 -20.66
C ARG B 152 13.50 5.39 -20.14
N ALA B 153 12.65 6.41 -20.01
CA ALA B 153 11.29 6.20 -19.52
C ALA B 153 10.53 5.26 -20.46
N LYS B 154 10.73 5.44 -21.76
CA LYS B 154 10.05 4.59 -22.73
C LYS B 154 10.52 3.15 -22.58
N GLU B 155 11.84 2.97 -22.48
CA GLU B 155 12.40 1.63 -22.32
C GLU B 155 11.92 0.97 -21.03
N ALA B 156 11.78 1.76 -19.97
CA ALA B 156 11.34 1.24 -18.68
C ALA B 156 9.86 0.85 -18.67
N GLY B 157 9.14 1.21 -19.73
CA GLY B 157 7.74 0.83 -19.82
C GLY B 157 6.69 1.81 -19.33
N PHE B 158 7.04 3.08 -19.18
CA PHE B 158 6.05 4.05 -18.72
C PHE B 158 5.00 4.29 -19.80
N ASP B 159 3.77 4.57 -19.36
CA ASP B 159 2.67 4.84 -20.29
C ASP B 159 2.57 6.32 -20.63
N VAL B 160 2.94 7.16 -19.68
CA VAL B 160 2.87 8.61 -19.85
C VAL B 160 4.14 9.29 -19.37
N ILE B 161 4.52 10.37 -20.03
CA ILE B 161 5.68 11.14 -19.62
C ILE B 161 5.18 12.55 -19.37
N GLU B 162 5.54 13.13 -18.23
CA GLU B 162 5.16 14.49 -17.92
C GLU B 162 6.40 15.32 -17.72
N ILE B 163 6.42 16.50 -18.33
CA ILE B 163 7.54 17.42 -18.20
C ILE B 163 7.22 18.35 -17.04
N HIS B 164 8.13 18.44 -16.07
CA HIS B 164 7.91 19.31 -14.91
C HIS B 164 8.36 20.74 -15.22
N ALA B 165 7.42 21.56 -15.65
CA ALA B 165 7.72 22.96 -15.98
C ALA B 165 7.05 23.87 -14.95
N ALA B 166 6.93 23.39 -13.72
CA ALA B 166 6.28 24.16 -12.68
C ALA B 166 7.07 24.28 -11.38
N HIS B 167 6.39 24.83 -10.37
CA HIS B 167 6.93 24.99 -9.03
C HIS B 167 8.29 25.67 -8.88
N GLY B 168 8.53 26.67 -9.72
CA GLY B 168 9.77 27.43 -9.66
C GLY B 168 11.05 26.69 -10.02
N TYR B 169 10.93 25.53 -10.63
CA TYR B 169 12.12 24.77 -11.01
C TYR B 169 12.69 25.28 -12.33
N LEU B 170 13.68 24.60 -12.88
CA LEU B 170 14.36 25.07 -14.10
C LEU B 170 13.51 25.61 -15.26
N ILE B 171 12.63 24.80 -15.82
CA ILE B 171 11.82 25.26 -16.93
C ILE B 171 10.97 26.48 -16.57
N HIS B 172 10.34 26.42 -15.41
CA HIS B 172 9.50 27.51 -14.92
C HIS B 172 10.36 28.79 -14.84
N GLU B 173 11.59 28.63 -14.36
CA GLU B 173 12.51 29.75 -14.24
C GLU B 173 12.74 30.41 -15.60
N PHE B 174 12.83 29.61 -16.66
CA PHE B 174 13.05 30.17 -18.00
C PHE B 174 11.79 30.87 -18.51
N LEU B 175 10.63 30.31 -18.20
CA LEU B 175 9.35 30.88 -18.65
C LEU B 175 9.02 32.24 -18.08
N SER B 176 9.38 32.47 -16.82
CA SER B 176 9.06 33.73 -16.16
C SER B 176 10.09 34.84 -16.23
N PRO B 177 9.66 36.06 -16.57
CA PRO B 177 10.54 37.23 -16.66
C PRO B 177 11.11 37.63 -15.30
N LEU B 178 10.52 37.13 -14.23
CA LEU B 178 10.98 37.44 -12.88
C LEU B 178 12.31 36.73 -12.61
N SER B 179 12.48 35.58 -13.26
CA SER B 179 13.67 34.77 -13.07
C SER B 179 14.54 34.66 -14.31
N ASN B 180 14.00 35.03 -15.47
CA ASN B 180 14.75 34.96 -16.72
C ASN B 180 15.07 36.35 -17.24
N HIS B 181 16.32 36.76 -17.08
CA HIS B 181 16.79 38.07 -17.53
C HIS B 181 17.76 37.90 -18.70
N ARG B 182 17.75 36.72 -19.32
CA ARG B 182 18.64 36.45 -20.44
C ARG B 182 18.41 37.37 -21.62
N THR B 183 19.48 37.62 -22.38
CA THR B 183 19.40 38.48 -23.55
C THR B 183 19.78 37.71 -24.81
N ASP B 184 19.81 36.38 -24.71
CA ASP B 184 20.11 35.56 -25.88
C ASP B 184 18.84 34.92 -26.41
N GLU B 185 18.97 33.84 -27.19
CA GLU B 185 17.81 33.19 -27.77
C GLU B 185 16.84 32.58 -26.75
N TYR B 186 17.27 32.46 -25.50
CA TYR B 186 16.42 31.87 -24.46
C TYR B 186 15.82 32.88 -23.50
N GLY B 187 15.90 34.16 -23.86
CA GLY B 187 15.35 35.19 -23.00
C GLY B 187 14.80 36.39 -23.74
N GLY B 188 14.05 37.22 -23.03
CA GLY B 188 13.47 38.41 -23.62
C GLY B 188 11.98 38.28 -23.90
N SER B 189 11.64 37.94 -25.13
CA SER B 189 10.25 37.81 -25.56
C SER B 189 9.60 36.55 -25.00
N PRO B 190 8.26 36.49 -25.03
CA PRO B 190 7.55 35.31 -24.54
C PRO B 190 8.01 34.09 -25.33
N GLU B 191 8.20 34.28 -26.63
CA GLU B 191 8.64 33.20 -27.51
C GLU B 191 10.01 32.67 -27.07
N ASN B 192 10.93 33.57 -26.77
CA ASN B 192 12.26 33.17 -26.34
C ASN B 192 12.26 32.51 -24.95
N ARG B 193 11.43 33.03 -24.05
CA ARG B 193 11.36 32.45 -22.71
C ARG B 193 10.76 31.05 -22.77
N TYR B 194 9.94 30.81 -23.79
CA TYR B 194 9.28 29.52 -24.00
C TYR B 194 10.17 28.56 -24.78
N ARG B 195 11.17 29.09 -25.48
CA ARG B 195 12.06 28.29 -26.32
C ARG B 195 12.64 27.03 -25.66
N PHE B 196 13.09 27.14 -24.42
CA PHE B 196 13.65 25.99 -23.71
C PHE B 196 12.62 24.86 -23.67
N LEU B 197 11.41 25.19 -23.24
CA LEU B 197 10.33 24.19 -23.19
C LEU B 197 9.99 23.69 -24.59
N ARG B 198 9.98 24.59 -25.56
CA ARG B 198 9.67 24.20 -26.93
C ARG B 198 10.64 23.13 -27.42
N GLU B 199 11.93 23.36 -27.18
CA GLU B 199 12.96 22.41 -27.61
C GLU B 199 12.86 21.08 -26.85
N ILE B 200 12.53 21.15 -25.56
CA ILE B 200 12.39 19.94 -24.75
C ILE B 200 11.24 19.09 -25.31
N ILE B 201 10.13 19.74 -25.63
CA ILE B 201 8.99 19.03 -26.18
C ILE B 201 9.31 18.39 -27.54
N ASP B 202 9.92 19.18 -28.43
CA ASP B 202 10.25 18.65 -29.75
C ASP B 202 11.26 17.50 -29.68
N GLU B 203 12.26 17.62 -28.83
CA GLU B 203 13.26 16.58 -28.69
C GLU B 203 12.70 15.32 -28.04
N VAL B 204 11.85 15.51 -27.04
CA VAL B 204 11.24 14.37 -26.36
C VAL B 204 10.39 13.61 -27.38
N LYS B 205 9.72 14.35 -28.26
CA LYS B 205 8.88 13.70 -29.27
C LYS B 205 9.67 12.94 -30.33
N GLN B 206 10.98 13.13 -30.35
CA GLN B 206 11.81 12.42 -31.31
C GLN B 206 12.04 10.98 -30.81
N VAL B 207 11.90 10.79 -29.51
CA VAL B 207 12.10 9.46 -28.92
C VAL B 207 10.87 8.90 -28.23
N TRP B 208 9.83 9.73 -28.10
CA TRP B 208 8.60 9.31 -27.43
C TRP B 208 7.36 9.76 -28.18
N ASP B 209 6.55 8.80 -28.60
CA ASP B 209 5.33 9.09 -29.36
C ASP B 209 4.07 8.88 -28.53
N GLY B 210 4.23 8.56 -27.25
CA GLY B 210 3.08 8.34 -26.39
C GLY B 210 2.52 9.59 -25.74
N PRO B 211 1.55 9.44 -24.82
CA PRO B 211 0.92 10.58 -24.14
C PRO B 211 2.00 11.47 -23.51
N LEU B 212 1.87 12.77 -23.72
CA LEU B 212 2.84 13.71 -23.17
C LEU B 212 2.11 14.79 -22.40
N PHE B 213 2.40 14.86 -21.10
CA PHE B 213 1.80 15.86 -20.21
C PHE B 213 2.85 16.91 -19.88
N VAL B 214 2.39 18.09 -19.48
CA VAL B 214 3.29 19.15 -19.05
C VAL B 214 2.63 19.79 -17.84
N ARG B 215 3.36 19.82 -16.71
CA ARG B 215 2.81 20.45 -15.52
C ARG B 215 3.37 21.86 -15.49
N VAL B 216 2.49 22.83 -15.27
CA VAL B 216 2.92 24.22 -15.20
C VAL B 216 2.42 24.87 -13.92
N SER B 217 3.01 26.01 -13.57
CA SER B 217 2.55 26.79 -12.43
C SER B 217 1.85 27.90 -13.20
N ALA B 218 0.52 27.82 -13.25
CA ALA B 218 -0.30 28.76 -14.01
C ALA B 218 -0.25 30.23 -13.60
N SER B 219 0.43 30.50 -12.49
CA SER B 219 0.58 31.87 -12.03
C SER B 219 1.74 32.01 -11.06
N ASP B 220 2.37 33.18 -11.07
CA ASP B 220 3.46 33.46 -10.16
C ASP B 220 2.90 34.26 -8.99
N TYR B 221 1.64 34.67 -9.12
CA TYR B 221 0.96 35.47 -8.09
C TYR B 221 1.82 36.67 -7.71
N THR B 222 2.57 37.18 -8.69
CA THR B 222 3.47 38.30 -8.45
C THR B 222 3.43 39.34 -9.55
N ASP B 223 3.46 40.62 -9.17
CA ASP B 223 3.45 41.69 -10.14
C ASP B 223 4.66 41.52 -11.06
N LYS B 224 4.43 41.70 -12.36
CA LYS B 224 5.49 41.57 -13.35
C LYS B 224 5.84 40.11 -13.62
N GLY B 225 5.16 39.21 -12.93
CA GLY B 225 5.38 37.78 -13.13
C GLY B 225 4.36 37.22 -14.09
N LEU B 226 4.37 35.90 -14.28
CA LEU B 226 3.41 35.28 -15.18
C LEU B 226 2.04 35.12 -14.53
N ASP B 227 0.99 35.16 -15.35
CA ASP B 227 -0.37 34.96 -14.86
C ASP B 227 -1.09 34.03 -15.83
N ILE B 228 -2.35 33.72 -15.56
CA ILE B 228 -3.09 32.80 -16.42
C ILE B 228 -3.12 33.20 -17.90
N ALA B 229 -3.12 34.49 -18.19
CA ALA B 229 -3.13 34.94 -19.58
C ALA B 229 -1.87 34.44 -20.30
N ASP B 230 -0.72 34.55 -19.63
CA ASP B 230 0.55 34.11 -20.20
C ASP B 230 0.52 32.61 -20.46
N HIS B 231 -0.04 31.85 -19.51
CA HIS B 231 -0.11 30.40 -19.64
C HIS B 231 -1.12 29.92 -20.67
N ILE B 232 -2.15 30.71 -20.92
CA ILE B 232 -3.11 30.34 -21.94
C ILE B 232 -2.35 30.42 -23.26
N GLY B 233 -1.48 31.41 -23.35
CA GLY B 233 -0.67 31.60 -24.54
C GLY B 233 0.28 30.42 -24.73
N PHE B 234 0.95 30.02 -23.66
CA PHE B 234 1.88 28.90 -23.72
C PHE B 234 1.13 27.63 -24.09
N ALA B 235 -0.08 27.49 -23.55
CA ALA B 235 -0.91 26.31 -23.81
C ALA B 235 -1.21 26.16 -25.30
N LYS B 236 -1.50 27.28 -25.97
CA LYS B 236 -1.79 27.23 -27.39
C LYS B 236 -0.56 26.72 -28.15
N TRP B 237 0.62 27.19 -27.74
CA TRP B 237 1.85 26.75 -28.39
C TRP B 237 2.11 25.28 -28.12
N MSE B 238 1.83 24.83 -26.89
CA MSE B 238 2.03 23.43 -26.54
C MSE B 238 1.09 22.53 -27.35
O MSE B 238 1.47 21.44 -27.78
CB MSE B 238 1.81 23.20 -25.03
CG MSE B 238 2.99 23.64 -24.15
SE MSE B 238 2.87 23.16 -22.37
CE MSE B 238 2.34 24.69 -21.66
N LYS B 239 -0.14 23.00 -27.56
CA LYS B 239 -1.11 22.23 -28.33
C LYS B 239 -0.59 22.02 -29.76
N GLU B 240 -0.05 23.08 -30.34
CA GLU B 240 0.49 23.02 -31.69
C GLU B 240 1.64 22.02 -31.76
N GLN B 241 2.37 21.89 -30.65
CA GLN B 241 3.50 20.98 -30.58
C GLN B 241 3.12 19.53 -30.31
N GLY B 242 1.86 19.29 -29.97
CA GLY B 242 1.44 17.92 -29.73
C GLY B 242 1.34 17.50 -28.27
N VAL B 243 1.39 18.45 -27.35
CA VAL B 243 1.26 18.11 -25.94
C VAL B 243 -0.20 17.66 -25.77
N ASP B 244 -0.41 16.58 -25.02
CA ASP B 244 -1.75 16.04 -24.84
C ASP B 244 -2.57 16.60 -23.69
N LEU B 245 -1.90 17.01 -22.63
CA LEU B 245 -2.62 17.55 -21.49
C LEU B 245 -1.73 18.44 -20.64
N ILE B 246 -2.31 19.50 -20.10
CA ILE B 246 -1.58 20.40 -19.24
C ILE B 246 -2.09 20.21 -17.82
N ASP B 247 -1.16 19.81 -16.95
CA ASP B 247 -1.36 19.53 -15.53
C ASP B 247 -1.23 20.91 -14.88
N CYS B 248 -2.34 21.46 -14.39
CA CYS B 248 -2.34 22.82 -13.87
C CYS B 248 -2.15 23.11 -12.38
N SER B 249 -0.90 23.38 -12.01
CA SER B 249 -0.58 23.73 -10.63
C SER B 249 -0.30 25.24 -10.63
N SER B 250 0.45 25.72 -9.66
CA SER B 250 0.75 27.15 -9.61
C SER B 250 1.78 27.50 -8.53
N GLY B 251 2.31 28.72 -8.62
CA GLY B 251 3.27 29.24 -7.67
C GLY B 251 4.64 28.60 -7.52
N ALA B 252 5.33 29.01 -6.47
CA ALA B 252 6.66 28.50 -6.11
C ALA B 252 7.88 29.06 -6.84
N LEU B 253 7.69 30.00 -7.76
CA LEU B 253 8.84 30.58 -8.46
C LEU B 253 9.61 31.44 -7.46
N VAL B 254 8.84 32.16 -6.64
CA VAL B 254 9.38 33.03 -5.59
C VAL B 254 8.33 33.02 -4.50
N HIS B 255 8.68 33.53 -3.31
CA HIS B 255 7.71 33.56 -2.23
C HIS B 255 6.57 34.50 -2.59
N ALA B 256 5.34 34.07 -2.31
CA ALA B 256 4.18 34.89 -2.60
C ALA B 256 2.99 34.50 -1.74
N ASP B 257 2.05 35.43 -1.61
CA ASP B 257 0.86 35.18 -0.83
C ASP B 257 -0.13 34.46 -1.74
N ILE B 258 -0.49 33.24 -1.34
CA ILE B 258 -1.43 32.45 -2.12
C ILE B 258 -2.61 32.05 -1.25
N ASN B 259 -3.81 32.38 -1.71
CA ASN B 259 -5.03 32.04 -0.98
C ASN B 259 -5.36 30.60 -1.32
N VAL B 260 -5.14 29.70 -0.36
CA VAL B 260 -5.41 28.28 -0.57
C VAL B 260 -6.76 27.87 -0.03
N PHE B 261 -7.47 27.06 -0.80
CA PHE B 261 -8.80 26.58 -0.44
C PHE B 261 -9.17 25.42 -1.38
N PRO B 262 -10.25 24.70 -1.07
CA PRO B 262 -10.64 23.58 -1.94
C PRO B 262 -10.83 24.00 -3.39
N GLY B 263 -10.04 23.39 -4.28
CA GLY B 263 -10.12 23.68 -5.70
C GLY B 263 -9.55 25.02 -6.12
N TYR B 264 -8.63 25.56 -5.33
CA TYR B 264 -8.04 26.87 -5.61
C TYR B 264 -7.26 27.01 -6.91
N GLN B 265 -6.99 25.91 -7.60
CA GLN B 265 -6.25 25.98 -8.86
C GLN B 265 -7.12 25.52 -10.04
N VAL B 266 -8.38 25.20 -9.77
CA VAL B 266 -9.28 24.74 -10.83
C VAL B 266 -9.54 25.77 -11.92
N SER B 267 -9.58 27.05 -11.55
CA SER B 267 -9.83 28.10 -12.53
C SER B 267 -8.78 28.09 -13.63
N PHE B 268 -7.55 27.75 -13.27
CA PHE B 268 -6.46 27.68 -14.24
C PHE B 268 -6.72 26.58 -15.24
N ALA B 269 -7.14 25.42 -14.73
CA ALA B 269 -7.43 24.27 -15.58
C ALA B 269 -8.59 24.55 -16.54
N GLU B 270 -9.66 25.16 -16.03
CA GLU B 270 -10.80 25.43 -16.90
C GLU B 270 -10.54 26.51 -17.94
N LYS B 271 -9.77 27.54 -17.59
CA LYS B 271 -9.48 28.60 -18.54
C LYS B 271 -8.56 28.13 -19.68
N ILE B 272 -7.56 27.32 -19.34
CA ILE B 272 -6.66 26.80 -20.35
C ILE B 272 -7.43 25.82 -21.24
N ARG B 273 -8.29 25.02 -20.63
CA ARG B 273 -9.07 24.04 -21.38
C ARG B 273 -9.96 24.72 -22.40
N GLU B 274 -10.63 25.78 -21.96
CA GLU B 274 -11.55 26.52 -22.80
C GLU B 274 -10.89 27.42 -23.84
N GLN B 275 -9.93 28.24 -23.42
CA GLN B 275 -9.26 29.16 -24.33
C GLN B 275 -8.17 28.58 -25.22
N ALA B 276 -7.55 27.48 -24.78
CA ALA B 276 -6.49 26.88 -25.59
C ALA B 276 -6.94 25.56 -26.21
N ASP B 277 -8.18 25.16 -25.93
CA ASP B 277 -8.73 23.92 -26.47
C ASP B 277 -7.77 22.77 -26.20
N MSE B 278 -7.27 22.73 -24.96
CA MSE B 278 -6.32 21.72 -24.52
C MSE B 278 -6.85 20.96 -23.30
O MSE B 278 -7.40 21.56 -22.38
CB MSE B 278 -5.00 22.41 -24.14
CG MSE B 278 -4.05 21.58 -23.28
SE MSE B 278 -3.12 20.34 -24.20
CE MSE B 278 -1.84 21.36 -24.95
N ALA B 279 -6.71 19.63 -23.31
CA ALA B 279 -7.16 18.83 -22.18
C ALA B 279 -6.34 19.28 -20.97
N THR B 280 -6.96 19.28 -19.79
CA THR B 280 -6.25 19.69 -18.59
C THR B 280 -6.46 18.79 -17.39
N GLY B 281 -5.50 18.87 -16.48
CA GLY B 281 -5.58 18.11 -15.25
C GLY B 281 -5.75 19.12 -14.15
N ALA B 282 -6.73 18.90 -13.28
CA ALA B 282 -6.98 19.81 -12.16
C ALA B 282 -6.30 19.24 -10.92
N VAL B 283 -5.73 20.12 -10.10
CA VAL B 283 -5.07 19.66 -8.89
C VAL B 283 -5.06 20.77 -7.85
N GLY B 284 -5.07 20.40 -6.58
CA GLY B 284 -5.05 21.39 -5.52
C GLY B 284 -6.21 21.31 -4.55
N MSE B 285 -5.97 20.66 -3.42
CA MSE B 285 -6.98 20.50 -2.38
C MSE B 285 -8.31 19.92 -2.84
O MSE B 285 -9.39 20.38 -2.44
CB MSE B 285 -7.19 21.82 -1.64
CG MSE B 285 -6.62 21.79 -0.22
SE MSE B 285 -5.85 23.32 0.30
CE MSE B 285 -4.83 22.77 1.66
N ILE B 286 -8.22 18.91 -3.70
CA ILE B 286 -9.40 18.18 -4.16
C ILE B 286 -9.31 16.95 -3.27
N THR B 287 -10.30 16.75 -2.42
CA THR B 287 -10.27 15.66 -1.46
C THR B 287 -11.46 14.71 -1.42
N ASP B 288 -12.49 14.96 -2.22
CA ASP B 288 -13.64 14.07 -2.20
C ASP B 288 -14.21 13.84 -3.59
N GLY B 289 -14.95 12.75 -3.73
CA GLY B 289 -15.51 12.41 -5.03
C GLY B 289 -16.51 13.42 -5.57
N SER B 290 -17.22 14.11 -4.70
CA SER B 290 -18.21 15.07 -5.16
C SER B 290 -17.55 16.22 -5.94
N MSE B 291 -16.47 16.77 -5.39
CA MSE B 291 -15.75 17.85 -6.06
C MSE B 291 -15.19 17.34 -7.38
O MSE B 291 -15.30 18.00 -8.42
CB MSE B 291 -14.58 18.37 -5.21
CG MSE B 291 -14.24 19.85 -5.36
SE MSE B 291 -13.13 20.46 -4.05
CE MSE B 291 -13.16 19.11 -2.99
N ALA B 292 -14.56 16.16 -7.33
CA ALA B 292 -13.98 15.55 -8.52
C ALA B 292 -14.99 15.40 -9.64
N GLU B 293 -16.18 14.90 -9.30
CA GLU B 293 -17.24 14.69 -10.30
C GLU B 293 -17.71 16.03 -10.87
N GLU B 294 -17.85 17.03 -9.99
CA GLU B 294 -18.29 18.36 -10.42
C GLU B 294 -17.30 18.98 -11.40
N ILE B 295 -16.00 18.85 -11.11
CA ILE B 295 -14.98 19.42 -11.98
C ILE B 295 -15.08 18.82 -13.38
N LEU B 296 -15.23 17.50 -13.45
CA LEU B 296 -15.33 16.80 -14.72
C LEU B 296 -16.63 17.10 -15.45
N GLN B 297 -17.75 17.02 -14.76
CA GLN B 297 -19.06 17.25 -15.37
C GLN B 297 -19.28 18.68 -15.85
N ASN B 298 -18.71 19.65 -15.13
CA ASN B 298 -18.86 21.06 -15.53
C ASN B 298 -17.79 21.48 -16.54
N GLY B 299 -17.06 20.49 -17.06
CA GLY B 299 -16.04 20.74 -18.06
C GLY B 299 -14.88 21.64 -17.67
N ARG B 300 -14.46 21.56 -16.41
CA ARG B 300 -13.38 22.39 -15.92
C ARG B 300 -12.01 21.72 -16.11
N ALA B 301 -12.02 20.40 -16.27
CA ALA B 301 -10.80 19.62 -16.49
C ALA B 301 -11.17 18.25 -17.02
N ASP B 302 -10.17 17.49 -17.47
CA ASP B 302 -10.40 16.15 -18.01
C ASP B 302 -9.93 15.04 -17.07
N LEU B 303 -8.94 15.34 -16.24
CA LEU B 303 -8.42 14.38 -15.28
C LEU B 303 -8.34 15.06 -13.92
N ILE B 304 -8.52 14.28 -12.86
CA ILE B 304 -8.46 14.81 -11.51
C ILE B 304 -7.23 14.30 -10.78
N PHE B 305 -6.28 15.20 -10.54
CA PHE B 305 -5.05 14.84 -9.85
C PHE B 305 -5.27 14.96 -8.34
N ILE B 306 -4.97 13.88 -7.62
CA ILE B 306 -5.12 13.84 -6.18
C ILE B 306 -3.75 13.66 -5.55
N GLY B 307 -3.42 14.53 -4.62
CA GLY B 307 -2.12 14.45 -3.97
C GLY B 307 -2.23 13.98 -2.53
N ARG B 308 -2.30 14.93 -1.60
CA ARG B 308 -2.36 14.60 -0.18
C ARG B 308 -3.49 13.67 0.28
N GLU B 309 -4.64 13.69 -0.39
CA GLU B 309 -5.72 12.79 0.04
C GLU B 309 -5.31 11.34 -0.20
N LEU B 310 -4.46 11.10 -1.21
CA LEU B 310 -4.01 9.74 -1.49
C LEU B 310 -2.92 9.32 -0.50
N LEU B 311 -2.42 10.28 0.28
CA LEU B 311 -1.42 9.99 1.29
C LEU B 311 -2.18 9.60 2.56
N ARG B 312 -3.37 10.19 2.73
CA ARG B 312 -4.21 9.88 3.88
C ARG B 312 -5.05 8.63 3.59
N ASP B 313 -5.46 8.50 2.34
CA ASP B 313 -6.31 7.39 1.92
C ASP B 313 -5.87 6.82 0.58
N PRO B 314 -4.97 5.82 0.60
CA PRO B 314 -4.48 5.19 -0.63
C PRO B 314 -5.62 4.64 -1.49
N PHE B 315 -6.73 4.31 -0.84
CA PHE B 315 -7.88 3.77 -1.55
C PHE B 315 -8.97 4.78 -1.80
N PHE B 316 -8.54 6.02 -2.07
CA PHE B 316 -9.45 7.13 -2.35
C PHE B 316 -10.47 6.75 -3.43
N ALA B 317 -10.04 5.95 -4.40
CA ALA B 317 -10.93 5.53 -5.47
C ALA B 317 -12.19 4.88 -4.90
N ARG B 318 -12.01 3.97 -3.94
CA ARG B 318 -13.15 3.30 -3.31
C ARG B 318 -13.98 4.29 -2.51
N THR B 319 -13.31 5.13 -1.74
CA THR B 319 -14.00 6.13 -0.93
C THR B 319 -14.85 7.06 -1.78
N ALA B 320 -14.28 7.51 -2.90
CA ALA B 320 -14.98 8.42 -3.81
C ALA B 320 -16.17 7.71 -4.44
N ALA B 321 -16.01 6.43 -4.76
CA ALA B 321 -17.10 5.66 -5.36
C ALA B 321 -18.28 5.60 -4.39
N LYS B 322 -17.98 5.35 -3.12
CA LYS B 322 -19.01 5.29 -2.08
C LYS B 322 -19.70 6.64 -1.94
N GLN B 323 -18.90 7.71 -1.91
CA GLN B 323 -19.44 9.06 -1.78
C GLN B 323 -20.37 9.39 -2.94
N LEU B 324 -20.07 8.85 -4.11
CA LEU B 324 -20.88 9.10 -5.30
C LEU B 324 -21.95 8.04 -5.49
N ASN B 325 -22.12 7.18 -4.49
CA ASN B 325 -23.13 6.12 -4.53
C ASN B 325 -23.07 5.34 -5.83
N THR B 326 -21.87 4.89 -6.19
CA THR B 326 -21.68 4.11 -7.41
C THR B 326 -20.73 2.96 -7.10
N GLU B 327 -20.66 1.99 -7.99
CA GLU B 327 -19.79 0.84 -7.78
C GLU B 327 -18.64 0.79 -8.78
N ILE B 328 -17.48 0.35 -8.30
CA ILE B 328 -16.31 0.21 -9.15
C ILE B 328 -15.69 -1.14 -8.83
N PRO B 329 -14.97 -1.73 -9.80
CA PRO B 329 -14.32 -3.02 -9.56
C PRO B 329 -13.26 -2.92 -8.48
N ALA B 330 -13.23 -3.90 -7.59
CA ALA B 330 -12.24 -3.89 -6.53
C ALA B 330 -11.12 -4.84 -6.93
N PRO B 331 -9.93 -4.68 -6.33
CA PRO B 331 -8.88 -5.62 -6.73
C PRO B 331 -9.45 -6.97 -6.29
N VAL B 332 -9.26 -8.01 -7.10
CA VAL B 332 -9.82 -9.32 -6.78
C VAL B 332 -9.56 -9.78 -5.34
N GLN B 333 -8.36 -9.52 -4.84
CA GLN B 333 -8.00 -9.94 -3.49
C GLN B 333 -8.81 -9.30 -2.37
N TYR B 334 -9.46 -8.16 -2.64
CA TYR B 334 -10.24 -7.49 -1.62
C TYR B 334 -11.75 -7.51 -1.88
N GLU B 335 -12.19 -8.41 -2.76
CA GLU B 335 -13.62 -8.48 -3.08
C GLU B 335 -14.49 -8.69 -1.85
N ARG B 336 -13.95 -9.35 -0.83
CA ARG B 336 -14.71 -9.62 0.39
C ARG B 336 -14.72 -8.46 1.39
N GLY B 337 -14.03 -7.38 1.05
CA GLY B 337 -14.00 -6.24 1.97
C GLY B 337 -14.51 -4.94 1.36
N TRP B 338 -14.22 -4.73 0.08
CA TRP B 338 -14.65 -3.52 -0.62
C TRP B 338 -16.16 -3.43 -0.84
N1 FMN C . -8.41 -15.82 9.09
C2 FMN C . -7.33 -16.58 9.44
O2 FMN C . -7.10 -16.94 10.57
N3 FMN C . -6.42 -16.97 8.39
C4 FMN C . -6.56 -16.65 7.06
O4 FMN C . -5.71 -17.04 6.25
C4A FMN C . -7.74 -15.82 6.69
N5 FMN C . -7.98 -15.44 5.40
C5A FMN C . -8.98 -14.51 5.13
C6 FMN C . -9.11 -13.93 3.77
C7 FMN C . -10.10 -12.97 3.43
C7M FMN C . -10.22 -12.38 2.01
C8 FMN C . -11.05 -12.51 4.50
C8M FMN C . -12.14 -11.48 4.23
C9 FMN C . -10.93 -13.05 5.79
C9A FMN C . -9.94 -14.04 6.16
N10 FMN C . -9.75 -14.62 7.49
C10 FMN C . -8.64 -15.44 7.81
C1' FMN C . -10.66 -14.28 8.60
C2' FMN C . -10.14 -12.91 9.12
O2' FMN C . -8.80 -12.90 9.64
C3' FMN C . -10.96 -12.22 10.21
O3' FMN C . -10.83 -12.99 11.45
C4' FMN C . -12.43 -12.14 9.82
O4' FMN C . -12.58 -11.41 8.58
C5' FMN C . -13.24 -11.43 10.90
O5' FMN C . -12.83 -10.05 10.98
P FMN C . -13.20 -8.73 10.23
O1P FMN C . -14.66 -8.50 10.45
O2P FMN C . -12.85 -8.88 8.76
O3P FMN C . -12.35 -7.61 10.93
N1 FMN D . 4.41 18.18 -7.29
C2 FMN D . 5.13 17.88 -8.41
O2 FMN D . 4.85 18.28 -9.50
N3 FMN D . 6.28 17.02 -8.26
C4 FMN D . 6.73 16.48 -7.07
O4 FMN D . 7.71 15.75 -7.05
C4A FMN D . 5.94 16.83 -5.85
N5 FMN D . 6.27 16.37 -4.63
C5A FMN D . 5.40 16.54 -3.55
C6 FMN D . 5.66 15.86 -2.25
C7 FMN D . 4.82 15.98 -1.14
C7M FMN D . 5.10 15.25 0.19
C8 FMN D . 3.58 16.83 -1.25
C8M FMN D . 2.61 17.01 -0.10
C9 FMN D . 3.33 17.48 -2.48
C9A FMN D . 4.18 17.37 -3.63
N10 FMN D . 3.96 18.01 -4.94
C10 FMN D . 4.75 17.71 -6.07
C1' FMN D . 2.79 18.90 -5.17
C2' FMN D . 1.61 17.89 -5.40
O2' FMN D . 1.73 17.03 -6.54
C3' FMN D . 0.20 18.50 -5.54
O3' FMN D . 0.12 19.20 -6.82
C4' FMN D . -0.12 19.46 -4.40
O4' FMN D . 0.01 18.81 -3.11
C5' FMN D . -1.53 20.00 -4.54
O5' FMN D . -2.50 18.92 -4.37
P FMN D . -3.18 18.20 -3.15
O1P FMN D . -3.96 19.23 -2.41
O2P FMN D . -2.10 17.55 -2.31
O3P FMN D . -4.14 17.13 -3.79
#